data_8D50
#
_entry.id   8D50
#
_cell.length_a   132.189
_cell.length_b   132.189
_cell.length_c   315.415
_cell.angle_alpha   90.000
_cell.angle_beta   90.000
_cell.angle_gamma   120.000
#
_symmetry.space_group_name_H-M   'P 63'
#
loop_
_entity.id
_entity.type
_entity.pdbx_description
1 polymer 'Envelope glycoprotein gp120'
2 polymer 'Envelope glycoprotein gp41'
3 polymer '35O22 Fab heavy chain'
4 polymer '35O22 Fab light chain'
5 polymer 'PGT124 Fab light chain'
6 polymer 'PGT124 Fab heavy chain'
7 branched alpha-D-mannopyranose-(1-2)-alpha-D-mannopyranose-(1-3)-beta-D-mannopyranose-(1-4)-2-acetamido-2-deoxy-beta-D-glucopyranose-(1-4)-2-acetamido-2-deoxy-beta-D-glucopyranose
8 branched 2-acetamido-2-deoxy-beta-D-glucopyranose-(1-4)-2-acetamido-2-deoxy-beta-D-glucopyranose
9 branched alpha-D-mannopyranose-(1-3)-alpha-D-mannopyranose-(1-3)-[alpha-D-mannopyranose-(1-6)]beta-D-mannopyranose-(1-4)-2-acetamido-2-deoxy-beta-D-glucopyranose-(1-4)-2-acetamido-2-deoxy-beta-D-glucopyranose
10 branched alpha-D-mannopyranose-(1-6)-beta-D-mannopyranose-(1-4)-2-acetamido-2-deoxy-beta-D-glucopyranose-(1-4)-2-acetamido-2-deoxy-beta-D-glucopyranose
11 branched beta-D-mannopyranose-(1-4)-2-acetamido-2-deoxy-beta-D-glucopyranose-(1-4)-2-acetamido-2-deoxy-beta-D-glucopyranose
12 non-polymer 2-acetamido-2-deoxy-beta-D-glucopyranose
13 non-polymer alpha-D-mannopyranose
#
loop_
_entity_poly.entity_id
_entity_poly.type
_entity_poly.pdbx_seq_one_letter_code
_entity_poly.pdbx_strand_id
1 'polypeptide(L)'
;EQLWVTVYYGVPVWKDAETTLFCASDAKSKRNIWATHCCVPTDPNPQEVVLENVTENFNMWKNNMVEQMHTDIISLWDES
LKPCVKLTPLCVTLNCTNYEGVQNNTIGEIKNCSFNITTALRDKVQKTYALFYRLDVVPITNDSRTYRLINCNTSVITQA
CPKVSFEPIPIHYCAPAGFAILKCNNKKFNGTGPCKNVSTVQCTHGIRPVVSTQLLLNGSLAEEEVVIRSENITDNAKTI
IVQLNESVIINCTRPNNNTRKSIHIGPGQWFYATGDIIGDIRRAHCNLSRTSWNNTLKQIVEKLREQFGNDPEIVMHSFN
CGGEFFYCNSTQLFNSTWHAADNNITLPCRIKQIINMWQRVGQAMYAPPIRGQIRCSSNITGLLLTRDGEIFRPGGGDMR
DNWRSELYKYKVVKIEPLGVAPTRCKRRVVQ
;
G
2 'polypeptide(L)'
;FLGFLGAAGSTMGAASMTLTVQARNLLSGIVQQQNQHLLQLTVWGIKQLQARILAVERYLKDQQLLGIWGCSGKLICCTT
VPWNSSWSNRSLNDIWQNMTWMEWEREIDNYTGLIYTLIEESQNQQEKNEQELLELD
;
B
3 'polypeptide(L)'
;QLVQSGAELKKPGASVKISCKTSGYRFNFYHINWIRQTAGRGPEWMGWISPYSAPAFQDRVIMTTDTEVPVTSFTSTGAA
YMEIRNTYFCAKGLLRDGSSTWLPYLWGQGTLLTVSSASTKGPCLVKDYFYSLSSVVTVPS
;
D
4 'polypeptide(L)'
;VLTQSASVSGSLGQSVTISCTGPNSVCCSHKSISWYQWPPGRAPTLIIYEDNERAPGISPRFSGYKSYWSAYLTISDLRP
EDETTYYCCSYTHNSGCVFGTGTKVSV
;
E
5 'polypeptide(L)'
;YVSPLSVALGETARISCGRQALGSRAVQWYQHKPGQAPILLIYNNQDRPSGIPERFSGTPDINFGTTATLTISGVEVGDE
ADYYCHMWDSRSGFSWSFGGATRLTVLSQPKAAPSVTLFPPSSEELQANKATLVCLISDFYPGAVTVAWKADSSPVKAGV
ETTTPSKQSNNKYAASSYLSLTPEQWKSHKSYSCQVTHEGSTVEKTVAPT
;
L
6 'polypeptide(L)'
;VQLQESGPGLVRPSETLSVTCIVSGGSISNYYWTWIRQSPGKGLEWIGYISDRETTTYNPSLNSRAVISRDTSKNQLSLQ
LRSVTTADTAIYFCATARRGQRIYGVVSFGEFFYYYYMDVWGKGTAVTVSSASTKGPSVFPLAPSGGTAALGCLVKDYFP
EPVTVSWNSGALTSGVHTFPAVLQSSGLYSLSSVVTVPSSSLGTQTYICNVNHKPSNTKVDKKVEP
;
H
#
# COMPACT_ATOMS: atom_id res chain seq x y z
N GLU A 1 -53.27 1.62 51.13
CA GLU A 1 -53.47 0.99 49.83
C GLU A 1 -53.56 2.03 48.73
N GLN A 2 -53.43 3.30 49.10
CA GLN A 2 -53.46 4.41 48.16
C GLN A 2 -52.05 4.97 48.02
N LEU A 3 -51.51 4.91 46.81
CA LEU A 3 -50.12 5.28 46.55
C LEU A 3 -50.02 6.73 46.07
N TRP A 4 -48.80 7.25 46.10
CA TRP A 4 -48.52 8.65 45.81
C TRP A 4 -47.28 8.75 44.93
N VAL A 5 -47.21 9.82 44.15
CA VAL A 5 -46.19 9.93 43.11
C VAL A 5 -44.87 10.39 43.72
N THR A 6 -43.77 9.94 43.12
CA THR A 6 -42.41 10.30 43.53
C THR A 6 -41.53 10.43 42.30
N VAL A 7 -40.67 11.43 42.29
CA VAL A 7 -39.82 11.74 41.14
C VAL A 7 -38.40 11.28 41.43
N TYR A 8 -37.72 10.79 40.40
CA TYR A 8 -36.39 10.21 40.54
C TYR A 8 -35.48 10.71 39.41
N TYR A 9 -34.18 10.50 39.57
CA TYR A 9 -33.20 10.70 38.50
C TYR A 9 -32.89 9.36 37.85
N GLY A 10 -33.85 8.89 37.05
CA GLY A 10 -33.80 7.58 36.43
C GLY A 10 -32.50 7.28 35.72
N VAL A 11 -31.90 6.12 36.03
CA VAL A 11 -30.64 5.71 35.43
C VAL A 11 -30.88 5.25 34.00
N PRO A 12 -31.80 4.30 33.72
CA PRO A 12 -31.98 3.85 32.34
C PRO A 12 -33.13 4.57 31.62
N VAL A 13 -32.98 5.87 31.38
CA VAL A 13 -33.94 6.64 30.60
C VAL A 13 -33.20 7.18 29.39
N TRP A 14 -33.55 6.69 28.20
CA TRP A 14 -32.84 7.06 26.99
C TRP A 14 -33.82 7.35 25.86
N LYS A 15 -33.53 8.41 25.12
CA LYS A 15 -34.31 8.80 23.95
C LYS A 15 -33.34 9.16 22.84
N ASP A 16 -33.52 8.58 21.66
CA ASP A 16 -32.59 8.80 20.56
C ASP A 16 -32.79 10.19 19.97
N ALA A 17 -31.68 10.90 19.75
CA ALA A 17 -31.71 12.21 19.13
C ALA A 17 -30.33 12.48 18.51
N GLU A 18 -30.10 13.73 18.13
CA GLU A 18 -28.86 14.13 17.47
C GLU A 18 -28.32 15.37 18.15
N THR A 19 -27.01 15.36 18.45
CA THR A 19 -26.34 16.50 19.08
C THR A 19 -24.99 16.69 18.43
N THR A 20 -24.26 17.70 18.90
CA THR A 20 -22.96 18.06 18.35
C THR A 20 -21.84 17.53 19.24
N LEU A 21 -20.92 16.78 18.65
CA LEU A 21 -19.80 16.19 19.36
C LEU A 21 -18.57 17.10 19.24
N PHE A 22 -17.41 16.58 19.64
CA PHE A 22 -16.15 17.28 19.52
C PHE A 22 -15.02 16.25 19.53
N CYS A 23 -13.79 16.74 19.44
CA CYS A 23 -12.60 15.90 19.31
C CYS A 23 -11.81 15.84 20.62
N ALA A 24 -10.91 14.87 20.67
CA ALA A 24 -10.00 14.69 21.79
C ALA A 24 -8.88 13.79 21.29
N SER A 25 -7.77 14.40 20.85
CA SER A 25 -6.71 13.67 20.17
C SER A 25 -5.35 14.11 20.68
N ASP A 26 -5.12 13.97 21.99
CA ASP A 26 -3.78 14.10 22.53
C ASP A 26 -2.92 12.92 22.10
N ALA A 27 -3.32 11.71 22.53
CA ALA A 27 -2.72 10.46 22.05
C ALA A 27 -1.20 10.44 22.22
N LYS A 28 -0.74 10.95 23.36
CA LYS A 28 0.69 11.01 23.68
C LYS A 28 1.45 11.79 22.60
N SER A 29 0.99 13.01 22.32
CA SER A 29 1.57 13.87 21.30
C SER A 29 1.63 13.18 19.93
N LYS A 30 7.29 17.81 19.16
CA LYS A 30 6.20 16.84 19.15
C LYS A 30 5.49 16.81 17.80
N ARG A 31 6.12 17.39 16.79
CA ARG A 31 5.58 17.44 15.43
C ARG A 31 4.21 18.12 15.43
N ASN A 32 4.16 19.32 16.02
CA ASN A 32 2.87 19.97 16.33
C ASN A 32 1.95 20.07 15.11
N ILE A 33 2.50 20.18 13.91
CA ILE A 33 1.71 20.41 12.71
C ILE A 33 1.21 19.07 12.19
N TRP A 34 -0.09 18.86 12.23
CA TRP A 34 -0.72 17.69 11.61
C TRP A 34 -2.02 18.13 10.96
N ALA A 35 -2.81 17.15 10.51
CA ALA A 35 -4.08 17.46 9.86
C ALA A 35 -5.11 17.96 10.87
N THR A 36 -4.98 17.57 12.14
CA THR A 36 -5.95 17.94 13.17
C THR A 36 -5.16 18.41 14.40
N HIS A 37 -4.98 19.72 14.51
CA HIS A 37 -4.31 20.31 15.66
C HIS A 37 -5.26 21.06 16.59
N CYS A 38 -6.47 21.39 16.15
CA CYS A 38 -7.44 22.10 16.96
C CYS A 38 -8.29 21.08 17.70
N CYS A 39 -7.77 20.60 18.82
CA CYS A 39 -8.46 19.61 19.64
C CYS A 39 -8.09 19.80 21.10
N VAL A 40 -9.07 19.61 21.98
CA VAL A 40 -8.79 19.55 23.41
C VAL A 40 -8.14 18.21 23.73
N PRO A 41 -7.07 18.17 24.53
CA PRO A 41 -6.37 16.91 24.75
C PRO A 41 -7.23 15.87 25.44
N THR A 42 -7.11 14.62 24.98
CA THR A 42 -7.92 13.54 25.51
C THR A 42 -7.36 13.05 26.84
N ASP A 43 -8.22 12.34 27.59
CA ASP A 43 -7.85 11.72 28.86
C ASP A 43 -7.96 10.22 28.67
N PRO A 44 -6.87 9.45 28.78
CA PRO A 44 -6.94 8.01 28.50
C PRO A 44 -7.81 7.24 29.48
N ASN A 45 -9.03 6.92 29.05
CA ASN A 45 -9.93 6.07 29.82
C ASN A 45 -10.06 4.73 29.12
N PRO A 46 -9.52 3.63 29.68
CA PRO A 46 -9.49 2.34 28.97
C PRO A 46 -10.65 1.40 29.27
N GLN A 47 -11.56 1.73 30.17
CA GLN A 47 -12.64 0.84 30.59
C GLN A 47 -13.98 1.49 30.31
N GLU A 48 -14.90 0.71 29.74
CA GLU A 48 -16.27 1.15 29.50
C GLU A 48 -17.20 0.36 30.42
N VAL A 49 -18.08 1.07 31.12
CA VAL A 49 -19.02 0.41 32.01
C VAL A 49 -20.04 -0.35 31.15
N VAL A 50 -20.14 -1.65 31.40
CA VAL A 50 -20.97 -2.52 30.58
C VAL A 50 -22.43 -2.35 30.98
N LEU A 51 -23.31 -2.25 29.98
CA LEU A 51 -24.76 -2.20 30.20
C LEU A 51 -25.33 -3.60 30.11
N GLU A 52 -25.41 -4.27 31.25
CA GLU A 52 -26.08 -5.55 31.30
C GLU A 52 -27.58 -5.36 31.15
N ASN A 53 -28.25 -6.39 30.63
CA ASN A 53 -29.70 -6.39 30.49
C ASN A 53 -30.18 -5.29 29.56
N VAL A 54 -29.57 -5.20 28.38
CA VAL A 54 -29.90 -4.13 27.44
C VAL A 54 -30.03 -4.74 26.05
N THR A 55 -31.22 -4.64 25.46
CA THR A 55 -31.47 -5.03 24.07
C THR A 55 -32.18 -3.86 23.39
N GLU A 56 -31.44 -3.05 22.64
CA GLU A 56 -31.99 -1.92 21.90
C GLU A 56 -31.51 -1.96 20.46
N ASN A 57 -32.40 -1.60 19.54
CA ASN A 57 -32.08 -1.65 18.12
C ASN A 57 -31.12 -0.54 17.74
N PHE A 58 -30.09 -0.90 16.96
CA PHE A 58 -29.14 0.06 16.40
C PHE A 58 -29.57 0.43 14.99
N ASN A 59 -28.77 1.32 14.36
CA ASN A 59 -28.95 1.63 12.94
C ASN A 59 -27.68 2.34 12.48
N MET A 60 -26.82 1.60 11.77
CA MET A 60 -25.60 2.18 11.25
C MET A 60 -25.90 3.20 10.16
N TRP A 61 -26.89 2.90 9.32
CA TRP A 61 -27.11 3.68 8.11
C TRP A 61 -27.82 5.00 8.37
N LYS A 62 -28.60 5.07 9.45
CA LYS A 62 -29.27 6.30 9.84
C LYS A 62 -28.49 7.05 10.91
N ASN A 63 -27.23 6.70 11.14
CA ASN A 63 -26.43 7.35 12.16
C ASN A 63 -26.10 8.78 11.76
N ASN A 64 -26.22 9.69 12.73
CA ASN A 64 -25.93 11.10 12.49
C ASN A 64 -24.45 11.42 12.62
N MET A 65 -23.69 10.62 13.37
CA MET A 65 -22.27 10.88 13.54
C MET A 65 -21.51 10.78 12.23
N VAL A 66 -21.97 9.91 11.32
CA VAL A 66 -21.30 9.76 10.03
C VAL A 66 -21.36 11.06 9.24
N GLU A 67 -22.57 11.62 9.09
CA GLU A 67 -22.72 12.86 8.35
C GLU A 67 -22.07 14.03 9.10
N GLN A 68 -22.09 13.99 10.43
CA GLN A 68 -21.40 15.00 11.20
C GLN A 68 -19.91 15.00 10.89
N MET A 69 -19.29 13.81 10.83
CA MET A 69 -17.87 13.72 10.52
C MET A 69 -17.59 14.12 9.07
N HIS A 70 -18.48 13.75 8.16
CA HIS A 70 -18.37 14.19 6.77
C HIS A 70 -18.28 15.70 6.67
N THR A 71 -19.26 16.40 7.25
CA THR A 71 -19.27 17.85 7.20
C THR A 71 -18.11 18.45 8.01
N ASP A 72 -17.68 17.78 9.07
CA ASP A 72 -16.54 18.26 9.85
C ASP A 72 -15.28 18.27 9.00
N ILE A 73 -15.03 17.19 8.27
CA ILE A 73 -13.84 17.12 7.43
C ILE A 73 -13.94 18.13 6.30
N ILE A 74 -15.16 18.31 5.74
CA ILE A 74 -15.38 19.33 4.72
C ILE A 74 -14.99 20.71 5.25
N SER A 75 -15.48 21.06 6.44
CA SER A 75 -15.20 22.37 7.01
C SER A 75 -13.73 22.54 7.35
N LEU A 76 -13.08 21.47 7.85
CA LEU A 76 -11.65 21.53 8.12
C LEU A 76 -10.86 21.87 6.87
N TRP A 77 -11.16 21.18 5.76
CA TRP A 77 -10.43 21.43 4.53
C TRP A 77 -10.77 22.80 3.95
N ASP A 78 -11.99 23.29 4.16
CA ASP A 78 -12.33 24.62 3.67
C ASP A 78 -11.63 25.71 4.47
N GLU A 79 -11.46 25.51 5.77
CA GLU A 79 -10.83 26.51 6.62
C GLU A 79 -9.31 26.46 6.57
N SER A 80 -8.73 25.32 6.21
CA SER A 80 -7.29 25.21 6.11
C SER A 80 -6.75 25.75 4.78
N LEU A 81 -7.62 26.30 3.92
CA LEU A 81 -7.21 26.84 2.63
C LEU A 81 -7.29 28.36 2.56
N LYS A 82 -7.93 29.00 3.53
CA LYS A 82 -8.18 30.45 3.42
C LYS A 82 -6.89 31.27 3.51
N PRO A 83 -6.00 31.06 4.49
CA PRO A 83 -4.82 31.93 4.58
C PRO A 83 -3.71 31.60 3.58
N CYS A 84 -3.77 30.45 2.91
CA CYS A 84 -2.70 30.07 1.99
C CYS A 84 -2.80 30.85 0.69
N VAL A 85 -1.72 30.80 -0.09
CA VAL A 85 -1.64 31.55 -1.33
C VAL A 85 -2.63 31.00 -2.35
N LYS A 86 -3.47 31.88 -2.88
CA LYS A 86 -4.38 31.49 -3.96
C LYS A 86 -3.60 31.20 -5.22
N LEU A 87 -4.06 30.22 -5.98
CA LEU A 87 -3.35 29.72 -7.15
C LEU A 87 -3.91 30.29 -8.45
N THR A 88 -4.69 31.36 -8.37
CA THR A 88 -5.30 31.92 -9.57
C THR A 88 -4.31 32.49 -10.59
N PRO A 89 -3.15 33.06 -10.23
CA PRO A 89 -2.25 33.57 -11.27
C PRO A 89 -1.63 32.51 -12.15
N LEU A 90 -1.93 31.22 -11.94
CA LEU A 90 -1.34 30.16 -12.74
C LEU A 90 -2.32 29.56 -13.75
N CYS A 91 -3.39 30.28 -14.10
CA CYS A 91 -4.19 29.88 -15.24
C CYS A 91 -3.60 30.33 -16.58
N VAL A 92 -2.38 30.86 -16.58
CA VAL A 92 -1.74 31.42 -17.77
C VAL A 92 -1.50 30.34 -18.81
N THR A 93 -1.13 30.75 -20.02
CA THR A 93 -0.84 29.80 -21.09
C THR A 93 0.40 28.99 -20.78
N LEU A 94 0.41 27.74 -21.25
CA LEU A 94 1.46 26.79 -20.92
C LEU A 94 1.78 25.97 -22.16
N ASN A 95 2.96 26.17 -22.73
CA ASN A 95 3.45 25.31 -23.81
C ASN A 95 4.30 24.21 -23.22
N CYS A 96 4.00 22.96 -23.59
CA CYS A 96 4.55 21.79 -22.90
C CYS A 96 5.14 20.82 -23.89
N THR A 97 6.01 19.96 -23.38
CA THR A 97 6.66 18.91 -24.16
C THR A 97 6.04 17.57 -23.83
N ASN A 98 5.69 16.80 -24.86
CA ASN A 98 5.18 15.45 -24.67
C ASN A 98 6.30 14.55 -24.16
N TYR A 99 6.11 13.99 -22.97
CA TYR A 99 7.16 13.29 -22.22
C TYR A 99 8.33 14.26 -22.12
N GLU A 100 9.56 13.86 -22.42
CA GLU A 100 10.74 14.72 -22.33
C GLU A 100 10.79 15.43 -20.98
N GLY A 101 10.81 14.62 -19.93
CA GLY A 101 10.73 15.10 -18.56
C GLY A 101 11.76 16.15 -18.19
N VAL A 102 4.67 2.60 -30.00
CA VAL A 102 5.94 2.98 -30.62
C VAL A 102 7.10 2.55 -29.73
N GLN A 103 7.17 3.15 -28.54
CA GLN A 103 8.18 2.81 -27.55
C GLN A 103 7.49 2.27 -26.30
N ASN A 104 8.16 1.32 -25.65
CA ASN A 104 7.57 0.59 -24.54
C ASN A 104 7.59 1.43 -23.26
N ASN A 105 6.43 1.56 -22.62
CA ASN A 105 6.28 2.23 -21.33
C ASN A 105 6.77 3.67 -21.38
N THR A 106 6.60 4.34 -22.51
CA THR A 106 6.85 5.77 -22.64
C THR A 106 5.50 6.48 -22.64
N ILE A 107 5.26 7.32 -21.64
CA ILE A 107 3.97 7.96 -21.43
C ILE A 107 4.15 9.46 -21.45
N GLY A 108 3.16 10.16 -22.00
CA GLY A 108 3.18 11.61 -22.02
C GLY A 108 2.67 12.20 -20.73
N GLU A 109 2.66 11.37 -19.67
CA GLU A 109 2.21 11.85 -18.36
C GLU A 109 3.12 12.96 -17.86
N ILE A 110 4.43 12.71 -17.85
CA ILE A 110 5.39 13.76 -17.51
C ILE A 110 5.37 14.81 -18.62
N LYS A 111 5.22 16.08 -18.23
CA LYS A 111 5.13 17.17 -19.18
C LYS A 111 5.98 18.33 -18.69
N ASN A 112 6.88 18.82 -19.54
CA ASN A 112 7.74 19.96 -19.23
C ASN A 112 7.07 21.21 -19.80
N CYS A 113 6.36 21.93 -18.93
CA CYS A 113 5.57 23.10 -19.35
C CYS A 113 6.33 24.37 -19.02
N SER A 114 6.37 25.30 -19.97
CA SER A 114 6.98 26.61 -19.77
C SER A 114 5.90 27.68 -19.86
N PHE A 115 6.02 28.71 -19.03
CA PHE A 115 4.99 29.73 -18.95
C PHE A 115 5.62 31.06 -18.53
N ASN A 116 4.84 32.12 -18.68
CA ASN A 116 5.14 33.42 -18.11
C ASN A 116 4.29 33.63 -16.87
N ILE A 117 4.89 34.18 -15.83
CA ILE A 117 4.17 34.52 -14.60
C ILE A 117 4.69 35.86 -14.10
N THR A 118 3.76 36.72 -13.68
CA THR A 118 4.15 38.02 -13.13
C THR A 118 4.92 37.83 -11.82
N THR A 119 6.00 38.59 -11.67
CA THR A 119 6.84 38.51 -10.49
C THR A 119 6.19 39.33 -9.36
N ALA A 120 6.95 39.59 -8.29
CA ALA A 120 6.47 40.51 -7.27
C ALA A 120 6.13 41.87 -7.88
N LEU A 121 6.98 42.35 -8.78
CA LEU A 121 6.62 43.46 -9.64
C LEU A 121 5.63 42.99 -10.70
N ARG A 122 4.48 43.65 -10.78
CA ARG A 122 3.45 43.23 -11.73
C ARG A 122 3.91 43.38 -13.17
N ASP A 123 4.58 44.50 -13.49
CA ASP A 123 4.99 44.74 -14.87
C ASP A 123 6.07 43.76 -15.31
N LYS A 124 6.98 43.40 -14.40
CA LYS A 124 8.02 42.43 -14.73
C LYS A 124 7.42 41.03 -14.85
N VAL A 125 7.75 40.36 -15.95
CA VAL A 125 7.30 38.99 -16.19
C VAL A 125 8.52 38.10 -16.38
N GLN A 126 8.39 36.85 -15.93
CA GLN A 126 9.47 35.89 -16.00
C GLN A 126 9.00 34.63 -16.72
N LYS A 127 9.86 34.10 -17.58
CA LYS A 127 9.59 32.88 -18.31
C LYS A 127 10.21 31.71 -17.53
N THR A 128 9.36 30.87 -16.96
CA THR A 128 9.80 29.76 -16.14
C THR A 128 9.11 28.48 -16.57
N TYR A 129 9.73 27.35 -16.23
CA TYR A 129 9.23 26.03 -16.59
C TYR A 129 8.96 25.21 -15.34
N ALA A 130 8.13 24.17 -15.51
CA ALA A 130 7.78 23.28 -14.42
C ALA A 130 7.37 21.93 -15.00
N LEU A 131 7.18 20.96 -14.10
CA LEU A 131 6.76 19.62 -14.47
C LEU A 131 5.35 19.36 -13.96
N PHE A 132 4.48 18.86 -14.84
CA PHE A 132 3.11 18.54 -14.49
C PHE A 132 2.75 17.19 -15.09
N TYR A 133 1.70 16.59 -14.54
CA TYR A 133 1.22 15.31 -15.01
C TYR A 133 0.11 15.51 -16.04
N ARG A 134 -0.08 14.49 -16.88
CA ARG A 134 -1.10 14.56 -17.92
C ARG A 134 -2.49 14.72 -17.32
N LEU A 135 -2.71 14.16 -16.13
CA LEU A 135 -3.99 14.33 -15.45
C LEU A 135 -4.19 15.77 -14.97
N ASP A 136 -3.10 16.46 -14.66
CA ASP A 136 -3.21 17.83 -14.15
C ASP A 136 -3.65 18.80 -15.23
N VAL A 137 -3.15 18.62 -16.46
CA VAL A 137 -3.28 19.61 -17.51
C VAL A 137 -3.87 18.96 -18.75
N VAL A 138 -4.80 19.65 -19.40
CA VAL A 138 -5.41 19.20 -20.64
C VAL A 138 -5.21 20.27 -21.71
N PRO A 139 -5.17 19.91 -23.00
CA PRO A 139 -4.87 20.92 -24.03
C PRO A 139 -6.01 21.91 -24.21
N ILE A 140 -5.64 23.15 -24.51
CA ILE A 140 -6.60 24.22 -24.67
C ILE A 140 -6.92 24.43 -26.15
N THR A 141 -6.96 27.47 -30.72
CA THR A 141 -5.55 27.84 -30.66
C THR A 141 -4.78 27.19 -31.80
N ASN A 142 -5.35 26.12 -32.35
CA ASN A 142 -4.76 25.35 -33.46
C ASN A 142 -3.50 24.62 -33.02
N ASP A 143 -2.53 25.35 -32.47
CA ASP A 143 -1.31 24.72 -31.97
C ASP A 143 -1.63 23.79 -30.81
N SER A 144 -1.43 22.48 -31.02
CA SER A 144 -1.78 21.50 -29.99
C SER A 144 -0.88 21.59 -28.77
N ARG A 145 0.30 22.21 -28.89
CA ARG A 145 1.23 22.31 -27.78
C ARG A 145 0.79 23.31 -26.71
N THR A 146 -0.34 23.99 -26.91
CA THR A 146 -0.88 24.91 -25.91
C THR A 146 -1.76 24.13 -24.94
N TYR A 147 -1.45 24.25 -23.65
CA TYR A 147 -2.09 23.47 -22.60
C TYR A 147 -2.59 24.41 -21.49
N ARG A 148 -3.43 23.86 -20.62
CA ARG A 148 -4.02 24.64 -19.54
C ARG A 148 -4.62 23.69 -18.50
N LEU A 149 -4.53 24.10 -17.24
CA LEU A 149 -5.00 23.25 -16.14
C LEU A 149 -6.52 23.20 -16.11
N ILE A 150 -7.07 21.99 -16.10
CA ILE A 150 -8.52 21.82 -16.18
C ILE A 150 -9.21 22.43 -14.96
N ASN A 151 -8.62 22.29 -13.78
CA ASN A 151 -9.24 22.80 -12.57
C ASN A 151 -8.98 24.28 -12.33
N CYS A 152 -7.92 24.84 -12.93
CA CYS A 152 -7.71 26.28 -12.83
C CYS A 152 -8.83 27.03 -13.54
N ASN A 153 -9.32 26.47 -14.65
CA ASN A 153 -10.48 27.01 -15.34
C ASN A 153 -11.76 26.53 -14.68
N THR A 154 -12.72 27.44 -14.51
CA THR A 154 -14.05 27.23 -13.94
C THR A 154 -14.03 26.95 -12.44
N SER A 155 -12.89 27.05 -11.78
CA SER A 155 -12.82 26.82 -10.35
C SER A 155 -11.74 27.70 -9.76
N VAL A 156 -12.03 28.33 -8.63
CA VAL A 156 -11.02 29.10 -7.92
C VAL A 156 -10.12 28.10 -7.22
N ILE A 157 -9.06 27.69 -7.90
CA ILE A 157 -8.13 26.71 -7.35
C ILE A 157 -7.18 27.43 -6.41
N THR A 158 -6.88 26.79 -5.28
CA THR A 158 -5.97 27.35 -4.29
C THR A 158 -4.98 26.27 -3.86
N GLN A 159 -3.74 26.69 -3.63
CA GLN A 159 -2.67 25.78 -3.28
C GLN A 159 -2.60 25.60 -1.77
N ALA A 160 -2.47 24.35 -1.33
CA ALA A 160 -2.31 24.07 0.09
C ALA A 160 -0.94 24.53 0.57
N CYS A 161 -0.90 24.98 1.83
CA CYS A 161 0.36 25.40 2.42
C CYS A 161 1.28 24.20 2.60
N PRO A 162 2.60 24.41 2.51
CA PRO A 162 3.54 23.30 2.65
C PRO A 162 3.78 22.86 4.08
N LYS A 163 3.29 23.60 5.08
CA LYS A 163 3.56 23.25 6.47
C LYS A 163 2.63 22.16 6.98
N VAL A 164 1.36 22.22 6.59
CA VAL A 164 0.39 21.23 7.06
C VAL A 164 0.69 19.87 6.44
N SER A 165 0.28 18.81 7.15
CA SER A 165 0.46 17.45 6.68
C SER A 165 -0.89 16.75 6.70
N PHE A 166 -1.31 16.23 5.55
CA PHE A 166 -2.57 15.51 5.46
C PHE A 166 -2.42 14.09 6.00
N GLU A 167 -1.80 13.95 7.16
CA GLU A 167 -1.58 12.63 7.74
C GLU A 167 -2.72 12.31 8.70
N PRO A 168 -3.54 11.29 8.44
CA PRO A 168 -4.66 10.96 9.33
C PRO A 168 -4.15 10.51 10.69
N ILE A 169 -4.53 11.24 11.73
CA ILE A 169 -4.18 10.89 13.10
C ILE A 169 -5.45 10.42 13.82
N PRO A 170 -5.36 9.47 14.75
CA PRO A 170 -6.57 8.96 15.41
C PRO A 170 -7.32 10.06 16.15
N ILE A 171 -8.57 10.27 15.76
CA ILE A 171 -9.44 11.26 16.38
C ILE A 171 -10.52 10.53 17.17
N HIS A 172 -10.79 11.05 18.37
CA HIS A 172 -11.83 10.50 19.23
C HIS A 172 -12.97 11.50 19.35
N TYR A 173 -14.18 11.07 19.00
CA TYR A 173 -15.37 11.90 19.11
C TYR A 173 -16.03 11.66 20.47
N CYS A 174 -16.09 12.70 21.28
CA CYS A 174 -16.65 12.60 22.63
C CYS A 174 -17.95 13.40 22.70
N ALA A 175 -18.87 12.94 23.56
CA ALA A 175 -20.19 13.54 23.72
C ALA A 175 -20.19 14.53 24.88
N PRO A 176 -20.96 15.62 24.77
CA PRO A 176 -20.98 16.63 25.85
C PRO A 176 -21.65 16.12 27.11
N ALA A 177 -21.78 17.01 28.10
CA ALA A 177 -22.43 16.64 29.35
C ALA A 177 -23.91 16.39 29.11
N GLY A 178 -24.44 15.36 29.78
CA GLY A 178 -25.84 15.02 29.67
C GLY A 178 -26.22 14.15 28.49
N PHE A 179 -25.26 13.79 27.64
CA PHE A 179 -25.49 12.93 26.50
C PHE A 179 -24.56 11.73 26.57
N ALA A 180 -24.69 10.80 25.63
CA ALA A 180 -23.97 9.54 25.73
C ALA A 180 -23.67 8.95 24.36
N ILE A 181 -22.76 7.99 24.36
CA ILE A 181 -22.42 7.18 23.20
C ILE A 181 -22.55 5.72 23.61
N LEU A 182 -23.32 4.96 22.85
CA LEU A 182 -23.59 3.55 23.16
C LEU A 182 -22.82 2.67 22.18
N LYS A 183 -21.77 2.02 22.67
CA LYS A 183 -20.93 1.16 21.85
C LYS A 183 -21.42 -0.27 21.94
N CYS A 184 -21.83 -0.84 20.82
CA CYS A 184 -22.14 -2.26 20.74
C CYS A 184 -20.84 -3.07 20.69
N ASN A 185 -20.84 -4.19 21.39
CA ASN A 185 -19.67 -5.07 21.44
C ASN A 185 -19.92 -6.43 20.79
N ASN A 186 -21.09 -6.62 20.19
CA ASN A 186 -21.39 -7.88 19.54
C ASN A 186 -20.46 -8.08 18.34
N LYS A 187 -19.77 -9.21 18.30
CA LYS A 187 -18.80 -9.46 17.23
C LYS A 187 -19.51 -9.82 15.93
N LYS A 188 -20.42 -10.78 15.97
CA LYS A 188 -21.23 -11.14 14.81
C LYS A 188 -22.39 -10.18 14.58
N PHE A 189 -22.15 -8.87 14.72
CA PHE A 189 -23.22 -7.89 14.66
C PHE A 189 -23.55 -7.55 13.22
N ASN A 190 -24.77 -7.85 12.80
CA ASN A 190 -25.23 -7.49 11.47
C ASN A 190 -25.41 -5.99 11.29
N GLY A 191 -25.56 -5.25 12.39
CA GLY A 191 -25.90 -3.84 12.30
C GLY A 191 -27.39 -3.64 12.09
N THR A 192 -27.80 -2.38 12.23
CA THR A 192 -29.20 -1.92 12.16
C THR A 192 -30.18 -2.88 12.82
N GLY A 193 -29.71 -3.58 13.86
CA GLY A 193 -30.55 -4.48 14.63
C GLY A 193 -30.27 -4.36 16.12
N PRO A 194 -30.92 -5.20 16.92
CA PRO A 194 -30.70 -5.14 18.36
C PRO A 194 -29.35 -5.72 18.75
N CYS A 195 -28.71 -5.10 19.72
CA CYS A 195 -27.38 -5.50 20.17
C CYS A 195 -27.39 -5.75 21.67
N LYS A 196 -26.69 -6.81 22.09
CA LYS A 196 -26.47 -7.11 23.48
C LYS A 196 -25.02 -6.84 23.85
N ASN A 197 -24.78 -6.72 25.15
CA ASN A 197 -23.47 -6.32 25.69
C ASN A 197 -23.07 -4.93 25.20
N VAL A 198 -24.04 -4.03 25.11
CA VAL A 198 -23.73 -2.62 24.85
C VAL A 198 -23.09 -2.01 26.08
N SER A 199 -22.33 -0.93 25.87
CA SER A 199 -21.61 -0.27 26.94
C SER A 199 -21.81 1.24 26.87
N THR A 200 -21.14 1.95 27.78
CA THR A 200 -21.46 3.33 28.12
C THR A 200 -20.63 4.32 27.32
N VAL A 201 -20.48 5.53 27.86
CA VAL A 201 -19.80 6.62 27.18
C VAL A 201 -18.31 6.33 27.16
N GLN A 202 -17.76 6.20 25.97
CA GLN A 202 -16.32 6.13 25.76
C GLN A 202 -16.05 6.94 24.50
N CYS A 203 -15.03 7.79 24.55
CA CYS A 203 -14.65 8.52 23.35
C CYS A 203 -14.32 7.54 22.25
N THR A 204 -14.91 7.75 21.07
CA THR A 204 -14.85 6.78 19.99
C THR A 204 -13.42 6.34 19.74
N HIS A 205 -13.24 5.03 19.56
CA HIS A 205 -11.92 4.47 19.29
C HIS A 205 -11.27 5.23 18.15
N GLY A 206 -9.97 5.49 18.30
CA GLY A 206 -9.21 6.31 17.37
C GLY A 206 -9.51 6.04 15.91
N ILE A 207 -10.08 7.03 15.22
CA ILE A 207 -10.44 6.91 13.82
C ILE A 207 -9.38 7.63 12.99
N ARG A 208 -8.87 6.96 11.96
CA ARG A 208 -7.99 7.60 11.00
C ARG A 208 -8.86 8.23 9.91
N PRO A 209 -8.88 9.55 9.78
CA PRO A 209 -9.67 10.17 8.71
C PRO A 209 -9.06 9.91 7.34
N VAL A 210 -9.14 8.67 6.88
CA VAL A 210 -8.50 8.25 5.64
C VAL A 210 -9.49 8.40 4.49
N VAL A 211 -9.08 9.12 3.46
CA VAL A 211 -9.89 9.32 2.25
C VAL A 211 -9.49 8.21 1.27
N SER A 212 -10.30 7.16 1.21
CA SER A 212 -10.08 6.03 0.33
C SER A 212 -11.39 5.62 -0.31
N THR A 213 -11.41 5.55 -1.64
CA THR A 213 -12.65 5.32 -2.37
C THR A 213 -12.92 3.84 -2.62
N GLN A 214 -12.01 3.15 -3.30
CA GLN A 214 -12.24 1.75 -3.63
C GLN A 214 -12.11 0.86 -2.39
N LEU A 215 -10.94 0.87 -1.76
CA LEU A 215 -10.65 -0.01 -0.64
C LEU A 215 -10.25 0.81 0.57
N LEU A 216 -10.75 0.41 1.74
CA LEU A 216 -10.49 1.14 2.97
C LEU A 216 -9.25 0.61 3.65
N LEU A 217 -8.37 1.52 4.09
CA LEU A 217 -7.12 1.19 4.75
C LEU A 217 -7.06 1.88 6.11
N ASN A 218 -6.10 1.45 6.92
CA ASN A 218 -5.88 2.01 8.25
C ASN A 218 -7.18 2.02 9.07
N GLY A 219 -7.86 0.87 9.08
CA GLY A 219 -9.15 0.76 9.73
C GLY A 219 -9.20 -0.37 10.74
N SER A 220 -10.33 -0.46 11.43
CA SER A 220 -10.54 -1.49 12.42
C SER A 220 -10.75 -2.84 11.75
N LEU A 221 -10.29 -3.90 12.43
CA LEU A 221 -10.40 -5.25 11.91
C LEU A 221 -11.72 -5.88 12.29
N ALA A 222 -12.10 -6.92 11.55
CA ALA A 222 -13.25 -7.73 11.90
C ALA A 222 -12.88 -8.73 12.99
N GLU A 223 -13.89 -9.43 13.50
CA GLU A 223 -13.71 -10.44 14.54
C GLU A 223 -14.30 -11.76 14.08
N GLU A 224 -13.56 -12.85 14.34
CA GLU A 224 -13.96 -14.21 13.99
C GLU A 224 -14.18 -14.26 12.49
N GLU A 225 -15.39 -14.51 12.00
CA GLU A 225 -15.69 -14.55 10.58
C GLU A 225 -15.77 -13.13 10.02
N VAL A 226 -15.34 -12.98 8.77
CA VAL A 226 -15.41 -11.66 8.14
C VAL A 226 -16.85 -11.16 8.13
N VAL A 227 -17.01 -9.84 8.06
CA VAL A 227 -18.31 -9.21 8.25
C VAL A 227 -18.72 -8.50 6.96
N ILE A 228 -19.95 -8.75 6.53
CA ILE A 228 -20.60 -7.98 5.47
C ILE A 228 -21.75 -7.22 6.09
N ARG A 229 -21.81 -5.92 5.82
CA ARG A 229 -22.86 -5.05 6.35
C ARG A 229 -23.50 -4.30 5.20
N SER A 230 -24.81 -4.50 5.01
CA SER A 230 -25.54 -3.92 3.90
C SER A 230 -26.84 -3.31 4.39
N GLU A 231 -27.16 -2.11 3.87
CA GLU A 231 -28.44 -1.50 4.17
C GLU A 231 -29.59 -2.36 3.68
N ASN A 232 -29.42 -2.98 2.51
CA ASN A 232 -30.44 -3.82 1.91
C ASN A 232 -29.78 -4.66 0.83
N ILE A 233 -30.36 -5.82 0.56
CA ILE A 233 -29.78 -6.79 -0.36
C ILE A 233 -30.55 -6.81 -1.69
N THR A 234 -31.25 -5.73 -2.02
CA THR A 234 -31.87 -5.65 -3.34
C THR A 234 -30.81 -5.52 -4.42
N ASP A 235 -31.26 -5.62 -5.67
CA ASP A 235 -30.40 -5.39 -6.82
C ASP A 235 -29.92 -3.95 -6.93
N ASN A 236 -30.53 -3.02 -6.18
CA ASN A 236 -30.10 -1.64 -6.14
C ASN A 236 -29.23 -1.34 -4.92
N ALA A 237 -28.63 -2.36 -4.32
CA ALA A 237 -27.79 -2.18 -3.16
C ALA A 237 -26.55 -1.37 -3.50
N LYS A 238 -26.48 -0.13 -3.00
CA LYS A 238 -25.37 0.75 -3.31
C LYS A 238 -24.21 0.61 -2.34
N THR A 239 -24.47 0.20 -1.10
CA THR A 239 -23.43 0.08 -0.07
C THR A 239 -23.37 -1.37 0.40
N ILE A 240 -22.26 -2.03 0.11
CA ILE A 240 -21.98 -3.35 0.67
C ILE A 240 -20.60 -3.30 1.30
N ILE A 241 -20.53 -2.77 2.53
CA ILE A 241 -19.26 -2.62 3.22
C ILE A 241 -18.80 -3.97 3.74
N VAL A 242 -17.54 -4.31 3.46
CA VAL A 242 -16.95 -5.57 3.89
C VAL A 242 -15.79 -5.25 4.81
N GLN A 243 -15.82 -5.81 6.01
CA GLN A 243 -14.75 -5.64 6.99
C GLN A 243 -13.88 -6.89 6.98
N LEU A 244 -12.62 -6.72 6.57
CA LEU A 244 -11.69 -7.83 6.54
C LEU A 244 -11.24 -8.19 7.96
N ASN A 245 -11.01 -9.49 8.17
CA ASN A 245 -10.41 -9.97 9.40
C ASN A 245 -8.95 -10.36 9.24
N GLU A 246 -8.53 -10.69 8.03
CA GLU A 246 -7.13 -10.77 7.65
C GLU A 246 -6.85 -9.67 6.63
N SER A 247 -5.90 -8.80 6.94
CA SER A 247 -5.55 -7.69 6.06
C SER A 247 -4.17 -7.94 5.47
N VAL A 248 -4.06 -7.78 4.15
CA VAL A 248 -2.79 -7.93 3.47
C VAL A 248 -1.98 -6.65 3.62
N ILE A 249 -0.66 -6.78 3.58
CA ILE A 249 0.21 -5.61 3.62
C ILE A 249 0.26 -4.99 2.24
N ILE A 250 0.12 -3.66 2.18
CA ILE A 250 0.17 -2.91 0.92
C ILE A 250 1.36 -1.96 0.97
N ASN A 251 2.18 -2.00 -0.08
CA ASN A 251 3.40 -1.19 -0.16
C ASN A 251 3.32 -0.35 -1.42
N CYS A 252 3.10 0.96 -1.27
CA CYS A 252 3.00 1.89 -2.38
C CYS A 252 4.23 2.79 -2.40
N THR A 253 4.92 2.82 -3.54
CA THR A 253 6.14 3.61 -3.69
C THR A 253 6.13 4.38 -4.99
N ARG A 254 6.72 5.58 -4.95
CA ARG A 254 7.03 6.38 -6.13
C ARG A 254 8.54 6.41 -6.27
N PRO A 255 9.14 5.45 -6.96
CA PRO A 255 10.61 5.31 -6.93
C PRO A 255 11.35 6.39 -7.71
N ASN A 256 10.67 7.20 -8.51
CA ASN A 256 11.34 8.28 -9.20
C ASN A 256 11.72 9.37 -8.21
N ASN A 257 12.97 9.83 -8.30
CA ASN A 257 13.50 10.79 -7.34
C ASN A 257 13.11 12.21 -7.76
N ASN A 258 12.36 12.89 -6.91
CA ASN A 258 11.82 14.21 -7.22
C ASN A 258 12.63 15.31 -6.53
N THR A 259 12.54 16.51 -7.10
CA THR A 259 13.10 17.71 -6.51
C THR A 259 12.07 18.82 -6.62
N ARG A 260 12.31 19.92 -5.90
CA ARG A 260 11.33 20.99 -5.78
C ARG A 260 11.86 22.29 -6.38
N LYS A 261 10.94 23.09 -6.89
CA LYS A 261 11.24 24.42 -7.42
C LYS A 261 10.23 25.42 -6.88
N SER A 262 10.73 26.49 -6.28
CA SER A 262 9.89 27.52 -5.67
C SER A 262 10.03 28.82 -6.45
N ILE A 263 8.89 29.44 -6.77
CA ILE A 263 8.86 30.69 -7.53
C ILE A 263 7.97 31.69 -6.81
N HIS A 264 8.24 32.97 -7.07
CA HIS A 264 7.55 34.10 -6.43
C HIS A 264 6.42 34.54 -7.35
N ILE A 265 5.26 33.90 -7.22
CA ILE A 265 4.12 34.28 -8.05
C ILE A 265 3.57 35.64 -7.66
N GLY A 266 3.77 36.04 -6.40
CA GLY A 266 3.33 37.33 -5.93
C GLY A 266 4.10 37.76 -4.70
N PRO A 267 3.98 39.04 -4.32
CA PRO A 267 4.67 39.53 -3.12
C PRO A 267 4.22 38.77 -1.89
N GLY A 268 5.18 38.12 -1.23
CA GLY A 268 4.86 37.24 -0.12
C GLY A 268 4.18 35.95 -0.51
N GLN A 269 4.22 35.58 -1.79
CA GLN A 269 3.58 34.38 -2.29
C GLN A 269 4.62 33.50 -2.96
N TRP A 270 4.61 32.21 -2.65
CA TRP A 270 5.58 31.25 -3.18
C TRP A 270 4.85 29.99 -3.63
N PHE A 271 5.02 29.64 -4.90
CA PHE A 271 4.43 28.45 -5.48
C PHE A 271 5.51 27.40 -5.70
N TYR A 272 5.18 26.14 -5.41
CA TYR A 272 6.13 25.03 -5.50
C TYR A 272 5.64 24.03 -6.56
N ALA A 273 6.55 23.64 -7.45
CA ALA A 273 6.24 22.67 -8.48
C ALA A 273 7.40 21.70 -8.63
N THR A 274 7.13 20.56 -9.25
CA THR A 274 8.15 19.55 -9.48
C THR A 274 9.28 20.14 -10.32
N GLY A 275 10.47 20.23 -9.74
CA GLY A 275 11.62 20.78 -10.43
C GLY A 275 12.05 19.98 -11.63
N ASP A 276 12.72 18.86 -11.39
CA ASP A 276 13.18 17.98 -12.46
C ASP A 276 13.06 16.54 -11.97
N ILE A 277 13.71 15.61 -12.66
CA ILE A 277 13.73 14.21 -12.29
C ILE A 277 15.18 13.76 -12.20
N ILE A 278 15.50 13.03 -11.13
CA ILE A 278 16.84 12.49 -10.92
C ILE A 278 16.73 10.97 -10.89
N GLY A 279 17.69 10.31 -11.54
CA GLY A 279 17.63 8.86 -11.66
C GLY A 279 16.77 8.42 -12.83
N ASP A 280 15.65 7.76 -12.54
CA ASP A 280 14.75 7.26 -13.57
C ASP A 280 13.32 7.60 -13.21
N ILE A 281 12.51 7.89 -14.22
CA ILE A 281 11.07 8.05 -14.04
C ILE A 281 10.46 6.66 -13.86
N ARG A 282 10.24 6.28 -12.61
CA ARG A 282 9.75 4.95 -12.29
C ARG A 282 8.26 4.93 -11.97
N ARG A 283 7.55 6.02 -12.26
CA ARG A 283 6.08 6.12 -12.11
C ARG A 283 5.74 5.85 -10.64
N ALA A 284 4.67 5.12 -10.36
CA ALA A 284 4.28 4.76 -9.01
C ALA A 284 3.52 3.45 -9.05
N HIS A 285 3.76 2.59 -8.07
CA HIS A 285 3.17 1.25 -8.08
C HIS A 285 2.88 0.81 -6.64
N CYS A 286 2.07 -0.24 -6.53
CA CYS A 286 1.67 -0.80 -5.25
C CYS A 286 1.67 -2.32 -5.34
N ASN A 287 1.98 -2.98 -4.23
CA ASN A 287 2.22 -4.41 -4.20
C ASN A 287 1.30 -5.09 -3.20
N LEU A 288 0.97 -6.35 -3.47
CA LEU A 288 0.15 -7.17 -2.59
C LEU A 288 0.60 -8.62 -2.66
N SER A 289 0.54 -9.31 -1.52
CA SER A 289 0.84 -10.73 -1.48
C SER A 289 -0.28 -11.51 -2.14
N ARG A 290 0.07 -12.35 -3.11
CA ARG A 290 -0.94 -13.05 -3.88
C ARG A 290 -1.68 -14.08 -3.05
N THR A 291 -0.96 -14.79 -2.17
CA THR A 291 -1.59 -15.86 -1.40
C THR A 291 -2.53 -15.30 -0.33
N SER A 292 -2.11 -14.24 0.38
CA SER A 292 -2.98 -13.65 1.39
C SER A 292 -4.22 -13.05 0.75
N TRP A 293 -4.05 -12.38 -0.39
CA TRP A 293 -5.21 -11.82 -1.09
C TRP A 293 -6.14 -12.92 -1.58
N ASN A 294 -5.58 -14.02 -2.09
CA ASN A 294 -6.42 -15.13 -2.53
C ASN A 294 -7.22 -15.70 -1.37
N ASN A 295 -6.58 -15.88 -0.21
CA ASN A 295 -7.29 -16.43 0.94
C ASN A 295 -8.37 -15.47 1.44
N THR A 296 -8.07 -14.16 1.47
CA THR A 296 -9.06 -13.20 1.94
C THR A 296 -10.25 -13.12 0.99
N LEU A 297 -9.99 -13.09 -0.33
CA LEU A 297 -11.08 -13.13 -1.30
C LEU A 297 -11.87 -14.43 -1.19
N LYS A 298 -11.20 -15.54 -0.87
CA LYS A 298 -11.91 -16.80 -0.68
C LYS A 298 -12.88 -16.71 0.49
N GLN A 299 -12.43 -16.16 1.61
CA GLN A 299 -13.33 -16.00 2.76
C GLN A 299 -14.47 -15.04 2.45
N ILE A 300 -14.17 -13.96 1.73
CA ILE A 300 -15.20 -12.98 1.36
C ILE A 300 -16.26 -13.64 0.50
N VAL A 301 -15.83 -14.41 -0.50
CA VAL A 301 -16.80 -15.07 -1.38
C VAL A 301 -17.54 -16.18 -0.64
N GLU A 302 -16.90 -16.79 0.36
CA GLU A 302 -17.62 -17.75 1.22
C GLU A 302 -18.80 -17.08 1.90
N LYS A 303 -18.55 -15.95 2.59
CA LYS A 303 -19.66 -15.31 3.27
C LYS A 303 -20.68 -14.73 2.29
N LEU A 304 -20.24 -14.27 1.11
CA LEU A 304 -21.20 -13.75 0.15
C LEU A 304 -22.07 -14.85 -0.44
N ARG A 305 -21.52 -16.05 -0.62
CA ARG A 305 -22.36 -17.20 -0.96
C ARG A 305 -23.32 -17.52 0.17
N GLU A 306 -22.86 -17.36 1.42
CA GLU A 306 -23.76 -17.55 2.56
C GLU A 306 -24.91 -16.54 2.54
N GLN A 307 -24.65 -15.32 2.06
CA GLN A 307 -25.73 -14.34 1.91
C GLN A 307 -26.76 -14.79 0.88
N PHE A 308 -26.33 -15.51 -0.15
CA PHE A 308 -27.19 -15.95 -1.24
C PHE A 308 -27.94 -14.77 -1.86
N GLY A 309 -27.19 -13.74 -2.24
CA GLY A 309 -27.80 -12.59 -2.89
C GLY A 309 -28.47 -12.95 -4.19
N ASN A 310 -27.75 -13.66 -5.06
CA ASN A 310 -28.27 -14.14 -6.35
C ASN A 310 -28.97 -13.05 -7.14
N ASP A 311 -16.24 8.14 -13.92
CA ASP A 311 -15.17 9.12 -14.05
C ASP A 311 -13.92 8.63 -13.30
N PRO A 312 -12.76 9.19 -13.63
CA PRO A 312 -11.50 8.68 -13.04
C PRO A 312 -11.51 8.51 -11.53
N GLU A 313 -12.00 9.50 -10.78
CA GLU A 313 -11.84 9.48 -9.33
C GLU A 313 -12.52 8.27 -8.69
N ILE A 314 -13.72 7.91 -9.17
CA ILE A 314 -14.45 6.81 -8.56
C ILE A 314 -14.09 5.46 -9.18
N VAL A 315 -13.75 5.44 -10.47
CA VAL A 315 -13.46 4.18 -11.14
C VAL A 315 -12.15 3.58 -10.63
N MET A 316 -11.16 4.43 -10.36
CA MET A 316 -9.86 3.97 -9.87
C MET A 316 -9.67 4.40 -8.42
N HIS A 317 -8.69 3.78 -7.78
CA HIS A 317 -8.44 3.99 -6.36
C HIS A 317 -7.84 5.37 -6.12
N SER A 318 -8.53 6.19 -5.33
CA SER A 318 -8.08 7.54 -5.00
C SER A 318 -7.71 7.55 -3.51
N PHE A 319 -6.42 7.63 -3.23
CA PHE A 319 -5.92 7.67 -1.86
C PHE A 319 -4.76 8.65 -1.79
N ASN A 320 -4.31 8.93 -0.56
CA ASN A 320 -3.25 9.90 -0.32
C ASN A 320 -2.15 9.27 0.51
N CYS A 321 -0.90 9.45 0.07
CA CYS A 321 0.29 9.03 0.80
C CYS A 321 1.23 10.22 0.87
N GLY A 322 1.59 10.62 2.09
CA GLY A 322 2.42 11.80 2.29
C GLY A 322 1.70 13.06 1.86
N GLY A 323 2.07 13.60 0.71
CA GLY A 323 1.42 14.80 0.21
C GLY A 323 0.94 14.65 -1.22
N GLU A 324 1.23 13.50 -1.83
CA GLU A 324 0.85 13.23 -3.21
C GLU A 324 -0.35 12.30 -3.25
N PHE A 325 -1.23 12.52 -4.22
CA PHE A 325 -2.46 11.76 -4.36
C PHE A 325 -2.36 10.84 -5.57
N PHE A 326 -2.64 9.56 -5.36
CA PHE A 326 -2.38 8.52 -6.34
C PHE A 326 -3.70 7.96 -6.89
N TYR A 327 -3.66 7.57 -8.16
CA TYR A 327 -4.82 6.99 -8.86
C TYR A 327 -4.36 5.73 -9.56
N CYS A 328 -4.84 4.58 -9.09
CA CYS A 328 -4.36 3.27 -9.53
C CYS A 328 -5.49 2.46 -10.13
N ASN A 329 -5.21 1.72 -11.20
CA ASN A 329 -6.22 0.88 -11.84
C ASN A 329 -6.15 -0.51 -11.22
N SER A 330 -7.20 -0.89 -10.50
CA SER A 330 -7.26 -2.19 -9.84
C SER A 330 -7.96 -3.19 -10.74
N THR A 331 -7.35 -4.36 -10.92
CA THR A 331 -7.90 -5.42 -11.76
C THR A 331 -8.07 -6.74 -11.01
N GLN A 332 -7.82 -6.76 -9.70
CA GLN A 332 -8.02 -7.99 -8.93
C GLN A 332 -9.50 -8.32 -8.83
N LEU A 333 -10.35 -7.31 -8.63
CA LEU A 333 -11.77 -7.54 -8.43
C LEU A 333 -12.41 -8.12 -9.68
N PHE A 334 -12.15 -7.49 -10.83
CA PHE A 334 -12.60 -8.02 -12.13
C PHE A 334 -11.41 -8.73 -12.76
N ASN A 335 -11.35 -10.05 -12.56
CA ASN A 335 -10.15 -10.81 -12.93
C ASN A 335 -9.91 -10.75 -14.43
N SER A 336 -8.75 -10.21 -14.81
CA SER A 336 -8.31 -10.15 -16.20
C SER A 336 -6.90 -10.71 -16.36
N THR A 337 -6.44 -11.53 -15.42
CA THR A 337 -5.08 -12.03 -15.40
C THR A 337 -4.91 -13.37 -16.11
N TRP A 338 -5.90 -13.79 -16.89
CA TRP A 338 -5.78 -15.07 -17.59
C TRP A 338 -4.76 -14.96 -18.71
N HIS A 339 -3.97 -16.03 -18.89
CA HIS A 339 -2.90 -16.01 -19.88
C HIS A 339 -3.43 -16.20 -21.29
N ALA A 340 -4.23 -17.26 -21.50
CA ALA A 340 -4.77 -17.55 -22.82
C ALA A 340 -5.76 -16.48 -23.26
N ALA A 341 11.81 -12.72 -3.16
CA ALA A 341 10.48 -12.86 -2.58
C ALA A 341 9.60 -11.67 -2.95
N ASP A 342 9.49 -10.72 -2.02
CA ASP A 342 8.73 -9.48 -2.21
C ASP A 342 7.28 -9.85 -2.48
N ASN A 343 6.71 -9.54 -3.63
CA ASN A 343 5.31 -9.82 -3.91
C ASN A 343 5.15 -10.33 -5.33
N ASN A 344 4.02 -11.03 -5.57
CA ASN A 344 3.71 -11.57 -6.87
C ASN A 344 2.75 -10.70 -7.67
N ILE A 345 1.95 -9.87 -7.01
CA ILE A 345 0.97 -9.02 -7.67
C ILE A 345 1.43 -7.56 -7.59
N THR A 346 1.22 -6.81 -8.66
CA THR A 346 1.60 -5.40 -8.71
C THR A 346 0.75 -4.69 -9.75
N LEU A 347 0.30 -3.48 -9.41
CA LEU A 347 -0.52 -2.67 -10.29
C LEU A 347 0.05 -1.26 -10.40
N PRO A 348 -0.18 -0.57 -11.52
CA PRO A 348 0.42 0.75 -11.73
C PRO A 348 -0.46 1.88 -11.20
N CYS A 349 0.15 3.07 -11.12
CA CYS A 349 -0.54 4.25 -10.62
C CYS A 349 -0.02 5.48 -11.34
N ARG A 350 -0.87 6.51 -11.39
CA ARG A 350 -0.50 7.84 -11.85
C ARG A 350 -0.84 8.84 -10.75
N ILE A 351 -0.32 10.05 -10.89
CA ILE A 351 -0.53 11.11 -9.90
C ILE A 351 -1.17 12.31 -10.58
N LYS A 352 -2.13 12.92 -9.90
CA LYS A 352 -2.75 14.17 -10.32
C LYS A 352 -2.59 15.16 -9.17
N GLN A 353 -1.80 16.22 -9.40
CA GLN A 353 -1.52 17.18 -8.36
C GLN A 353 -2.66 18.17 -8.13
N ILE A 354 -3.76 18.05 -8.85
CA ILE A 354 -4.96 18.86 -8.62
C ILE A 354 -6.16 17.92 -8.48
N ILE A 355 -6.92 18.08 -7.40
CA ILE A 355 -7.93 17.10 -7.02
C ILE A 355 -9.21 17.79 -6.56
N ASN A 356 -10.30 17.03 -6.59
CA ASN A 356 -11.59 17.37 -6.02
C ASN A 356 -12.25 16.07 -5.54
N MET A 357 -11.58 15.37 -4.62
CA MET A 357 -12.07 14.07 -4.17
C MET A 357 -13.45 14.18 -3.52
N TRP A 358 -13.77 15.32 -2.93
CA TRP A 358 -15.03 15.52 -2.25
C TRP A 358 -16.10 16.08 -3.17
N GLN A 359 -15.79 16.23 -4.45
CA GLN A 359 -16.72 16.78 -5.44
C GLN A 359 -17.13 18.20 -5.06
N ARG A 360 -16.18 18.94 -4.50
CA ARG A 360 -16.40 20.35 -4.20
C ARG A 360 -16.52 21.14 -5.50
N VAL A 361 -17.50 22.03 -5.56
CA VAL A 361 -17.78 22.82 -6.75
C VAL A 361 -17.32 24.24 -6.48
N GLY A 362 -16.20 24.64 -7.09
CA GLY A 362 -15.66 25.98 -6.96
C GLY A 362 -14.40 26.09 -6.15
N GLN A 363 -13.88 24.98 -5.61
CA GLN A 363 -12.66 25.00 -4.80
C GLN A 363 -11.83 23.78 -5.17
N ALA A 364 -10.68 24.01 -5.79
CA ALA A 364 -9.79 22.94 -6.22
C ALA A 364 -8.53 22.92 -5.38
N MET A 365 -7.95 21.74 -5.25
CA MET A 365 -6.80 21.49 -4.39
C MET A 365 -5.58 21.21 -5.24
N TYR A 366 -4.52 22.00 -5.06
CA TYR A 366 -3.22 21.70 -5.65
C TYR A 366 -2.36 20.97 -4.64
N ALA A 367 -1.81 19.83 -5.06
CA ALA A 367 -0.95 19.04 -4.20
C ALA A 367 0.50 19.42 -4.47
N PRO A 368 1.18 20.09 -3.53
CA PRO A 368 2.60 20.41 -3.74
C PRO A 368 3.44 19.14 -3.80
N PRO A 369 4.31 19.02 -4.79
CA PRO A 369 5.08 17.78 -4.95
C PRO A 369 6.04 17.55 -3.79
N ILE A 370 6.33 16.27 -3.55
CA ILE A 370 7.16 15.85 -2.42
C ILE A 370 8.55 15.49 -2.94
N ARG A 371 9.57 15.89 -2.18
CA ARG A 371 10.95 15.62 -2.55
C ARG A 371 11.31 14.17 -2.26
N GLY A 372 12.26 13.64 -3.05
CA GLY A 372 12.74 12.28 -2.86
C GLY A 372 11.73 11.20 -3.18
N GLN A 373 12.15 9.95 -3.15
CA GLN A 373 11.24 8.84 -3.38
C GLN A 373 10.21 8.75 -2.26
N ILE A 374 9.03 8.25 -2.62
CA ILE A 374 7.90 8.15 -1.70
C ILE A 374 7.72 6.69 -1.31
N ARG A 375 7.61 6.42 0.00
CA ARG A 375 7.46 5.07 0.52
C ARG A 375 6.36 5.05 1.57
N CYS A 376 5.25 4.38 1.25
CA CYS A 376 4.15 4.15 2.19
C CYS A 376 3.86 2.66 2.27
N SER A 377 3.66 2.16 3.49
CA SER A 377 3.30 0.78 3.74
C SER A 377 2.16 0.74 4.75
N SER A 378 1.16 -0.09 4.48
CA SER A 378 -0.04 -0.16 5.31
C SER A 378 -0.64 -1.56 5.23
N ASN A 379 -1.78 -1.73 5.91
CA ASN A 379 -2.58 -2.96 5.83
C ASN A 379 -3.96 -2.57 5.30
N ILE A 380 -4.64 -3.51 4.63
CA ILE A 380 -5.90 -3.23 3.94
C ILE A 380 -7.04 -3.92 4.68
N THR A 381 -7.88 -3.14 5.34
CA THR A 381 -8.92 -3.69 6.21
C THR A 381 -10.33 -3.60 5.66
N GLY A 382 -10.62 -2.69 4.74
CA GLY A 382 -11.99 -2.44 4.34
C GLY A 382 -12.17 -2.47 2.83
N LEU A 383 -13.36 -2.92 2.43
CA LEU A 383 -13.76 -2.99 1.03
C LEU A 383 -15.13 -2.34 0.86
N LEU A 384 -15.34 -1.73 -0.30
CA LEU A 384 -16.63 -1.16 -0.67
C LEU A 384 -17.06 -1.76 -2.00
N LEU A 385 -18.19 -2.47 -1.98
CA LEU A 385 -18.70 -3.18 -3.14
C LEU A 385 -20.07 -2.65 -3.53
N THR A 386 -20.41 -2.84 -4.80
CA THR A 386 -21.66 -2.35 -5.36
C THR A 386 -22.25 -3.39 -6.30
N ARG A 387 -23.56 -3.59 -6.22
CA ARG A 387 -24.24 -4.53 -7.10
C ARG A 387 -24.42 -3.93 -8.49
N ASP A 388 -24.89 -4.76 -9.42
CA ASP A 388 -25.14 -4.34 -10.80
C ASP A 388 -26.62 -4.31 -11.15
N GLY A 389 -27.40 -5.30 -10.72
CA GLY A 389 -28.82 -5.34 -11.01
C GLY A 389 -29.16 -6.16 -12.23
N GLU A 390 -25.80 -8.16 -9.26
CA GLU A 390 -25.39 -9.40 -9.92
C GLU A 390 -23.96 -9.77 -9.54
N ILE A 391 -23.03 -8.83 -9.72
CA ILE A 391 -21.61 -9.04 -9.42
C ILE A 391 -21.12 -7.81 -8.66
N PHE A 392 -20.22 -8.03 -7.70
CA PHE A 392 -19.73 -6.97 -6.83
C PHE A 392 -18.64 -6.19 -7.54
N ARG A 393 -18.99 -4.98 -8.04
CA ARG A 393 -18.07 -4.05 -8.67
C ARG A 393 -17.62 -3.01 -7.66
N PRO A 394 -16.32 -2.78 -7.50
CA PRO A 394 -15.86 -1.86 -6.45
C PRO A 394 -16.22 -0.41 -6.77
N GLY A 395 -16.71 0.30 -5.75
CA GLY A 395 -17.08 1.68 -5.92
C GLY A 395 -17.83 2.25 -4.73
N GLY A 396 -17.61 3.54 -4.46
CA GLY A 396 -18.31 4.20 -3.38
C GLY A 396 -19.16 5.35 -3.88
N GLY A 397 -20.46 5.33 -3.56
CA GLY A 397 -21.34 6.39 -4.00
C GLY A 397 -21.00 7.75 -3.40
N ASP A 398 -20.46 7.76 -2.19
CA ASP A 398 -20.03 8.98 -1.53
C ASP A 398 -18.87 8.65 -0.61
N MET A 399 -18.31 9.69 0.02
CA MET A 399 -17.25 9.52 0.99
C MET A 399 -17.78 9.29 2.39
N ARG A 400 -19.09 9.40 2.60
CA ARG A 400 -19.67 9.11 3.91
C ARG A 400 -19.52 7.64 4.26
N ASP A 401 -19.43 6.77 3.26
CA ASP A 401 -19.24 5.35 3.53
C ASP A 401 -17.85 5.07 4.09
N ASN A 402 -16.86 5.92 3.76
CA ASN A 402 -15.54 5.78 4.37
C ASN A 402 -15.60 5.97 5.88
N TRP A 403 -16.54 6.79 6.35
CA TRP A 403 -16.76 6.95 7.78
C TRP A 403 -17.75 5.95 8.34
N ARG A 404 -18.65 5.41 7.51
CA ARG A 404 -19.60 4.41 7.98
C ARG A 404 -18.93 3.09 8.36
N SER A 405 -17.67 2.88 7.95
CA SER A 405 -16.95 1.66 8.31
C SER A 405 -16.30 1.74 9.68
N GLU A 406 -16.36 2.91 10.35
CA GLU A 406 -15.81 3.07 11.68
C GLU A 406 -16.81 3.57 12.71
N LEU A 407 -17.91 4.17 12.28
CA LEU A 407 -18.94 4.68 13.18
C LEU A 407 -20.17 3.77 13.16
N TYR A 408 -19.95 2.47 13.03
CA TYR A 408 -21.03 1.50 12.96
C TYR A 408 -21.53 1.05 14.33
N LYS A 409 -20.68 1.14 15.35
CA LYS A 409 -21.01 0.65 16.69
C LYS A 409 -21.51 1.74 17.63
N TYR A 410 -21.40 3.00 17.24
CA TYR A 410 -21.71 4.11 18.14
C TYR A 410 -23.05 4.74 17.77
N LYS A 411 -23.72 5.29 18.78
CA LYS A 411 -25.04 5.88 18.61
C LYS A 411 -25.24 6.95 19.69
N VAL A 412 -25.95 8.01 19.34
CA VAL A 412 -26.13 9.18 20.20
C VAL A 412 -27.51 9.13 20.83
N VAL A 413 -27.56 9.31 22.15
CA VAL A 413 -28.80 9.32 22.92
C VAL A 413 -28.67 10.35 24.03
N LYS A 414 -29.83 10.75 24.58
CA LYS A 414 -29.87 11.79 25.61
C LYS A 414 -30.48 11.25 26.90
N ILE A 415 -29.99 11.77 28.02
CA ILE A 415 -30.51 11.44 29.34
C ILE A 415 -31.72 12.32 29.64
N GLU A 416 -32.84 11.70 30.00
CA GLU A 416 -34.01 12.39 30.53
C GLU A 416 -34.23 11.85 31.95
N PRO A 417 -33.46 12.36 32.92
CA PRO A 417 -33.44 11.70 34.24
C PRO A 417 -34.74 11.82 34.99
N LEU A 418 -35.55 12.84 34.70
CA LEU A 418 -36.76 13.10 35.46
C LEU A 418 -37.80 12.02 35.18
N GLY A 419 -38.05 11.16 36.16
CA GLY A 419 -39.05 10.11 36.03
C GLY A 419 -39.90 9.98 37.27
N VAL A 420 -41.23 9.98 37.10
CA VAL A 420 -42.16 9.90 38.21
C VAL A 420 -42.65 8.47 38.35
N ALA A 421 -42.63 7.95 39.57
CA ALA A 421 -43.06 6.60 39.88
C ALA A 421 -43.82 6.61 41.20
N PRO A 422 -44.80 5.73 41.36
CA PRO A 422 -45.62 5.74 42.58
C PRO A 422 -45.03 4.90 43.70
N THR A 423 -45.32 5.33 44.93
CA THR A 423 -44.83 4.65 46.12
C THR A 423 -45.77 5.01 47.27
N ARG A 424 -45.93 4.06 48.21
CA ARG A 424 -46.76 4.32 49.39
C ARG A 424 -46.28 5.51 50.19
N CYS A 425 -45.02 5.92 50.01
CA CYS A 425 -44.51 7.12 50.66
C CYS A 425 -45.39 8.32 50.36
N LYS A 426 -45.48 9.22 51.35
CA LYS A 426 -46.28 10.44 51.23
C LYS A 426 -45.52 11.57 51.91
N ARG A 427 -45.53 12.75 51.29
CA ARG A 427 -44.77 13.87 51.80
C ARG A 427 -45.28 14.30 53.18
N ARG A 428 -44.35 14.44 54.12
CA ARG A 428 -44.68 14.90 55.46
C ARG A 428 -44.96 16.40 55.42
N VAL A 429 -46.24 16.78 55.53
CA VAL A 429 -46.60 18.19 55.50
C VAL A 429 -46.00 18.89 56.71
N VAL A 430 -45.57 20.13 56.52
CA VAL A 430 -44.86 20.87 57.56
C VAL A 430 -45.72 21.09 58.79
N GLN A 431 -47.03 21.25 58.60
CA GLN A 431 -47.93 21.50 59.74
C GLN A 431 -48.07 20.26 60.62
N PHE B 1 -17.18 9.45 37.88
CA PHE B 1 -15.97 8.79 37.40
C PHE B 1 -16.28 7.45 36.75
N LEU B 2 -16.49 6.43 37.57
CA LEU B 2 -16.76 5.07 37.10
C LEU B 2 -18.10 4.60 37.64
N GLY B 3 -18.71 3.66 36.92
CA GLY B 3 -20.00 3.14 37.28
C GLY B 3 -21.18 3.85 36.65
N PHE B 4 -20.93 4.77 35.73
CA PHE B 4 -22.02 5.48 35.07
C PHE B 4 -22.90 4.50 34.29
N LEU B 5 -24.20 4.56 34.55
CA LEU B 5 -25.17 3.63 33.96
C LEU B 5 -24.92 2.18 34.37
N GLY B 6 -24.33 1.98 35.54
CA GLY B 6 -24.06 0.63 36.00
C GLY B 6 -25.31 -0.21 36.17
N ALA B 7 -26.42 0.43 36.54
CA ALA B 7 -27.68 -0.27 36.80
C ALA B 7 -28.70 -0.06 35.68
N ALA B 8 -28.23 0.19 34.46
CA ALA B 8 -29.14 0.33 33.32
C ALA B 8 -29.75 -1.02 32.96
N GLY B 9 -31.07 -1.05 32.81
CA GLY B 9 -31.78 -2.27 32.49
C GLY B 9 -32.04 -3.19 33.66
N SER B 10 -31.50 -2.90 34.84
CA SER B 10 -31.73 -3.72 36.01
C SER B 10 -33.07 -3.36 36.63
N THR B 11 -33.37 -3.92 37.79
CA THR B 11 -34.59 -3.57 38.51
C THR B 11 -34.54 -2.11 38.93
N MET B 12 -35.73 -1.53 39.14
CA MET B 12 -35.81 -0.10 39.47
C MET B 12 -35.19 0.18 40.82
N GLY B 13 -35.18 -0.81 41.73
CA GLY B 13 -34.55 -0.60 43.02
C GLY B 13 -33.04 -0.44 42.91
N ALA B 14 -32.40 -1.34 42.16
CA ALA B 14 -30.96 -1.25 41.97
C ALA B 14 -30.57 0.07 41.33
N ALA B 15 -31.40 0.58 40.42
CA ALA B 15 -31.13 1.88 39.82
C ALA B 15 -31.35 3.00 40.82
N SER B 16 -32.38 2.88 41.66
CA SER B 16 -32.66 3.91 42.66
C SER B 16 -31.76 3.82 43.89
N MET B 17 -30.80 2.88 43.91
CA MET B 17 -29.77 2.91 44.95
C MET B 17 -28.52 3.67 44.54
N THR B 18 -28.29 3.86 43.23
CA THR B 18 -27.08 4.52 42.75
C THR B 18 -27.44 5.65 41.77
N LEU B 19 -28.20 6.63 42.27
CA LEU B 19 -28.46 7.83 41.47
C LEU B 19 -27.32 8.83 41.57
N THR B 20 -26.45 8.68 42.57
CA THR B 20 -25.36 9.64 42.76
C THR B 20 -24.37 9.59 41.61
N VAL B 21 -24.14 8.41 41.03
CA VAL B 21 -23.21 8.29 39.90
C VAL B 21 -23.73 9.11 38.72
N GLN B 22 -24.99 8.91 38.36
CA GLN B 22 -25.61 9.71 37.31
C GLN B 22 -25.57 11.19 37.65
N ALA B 23 -25.85 11.53 38.91
CA ALA B 23 -25.89 12.94 39.32
C ALA B 23 -24.52 13.60 39.13
N ARG B 24 -23.44 12.91 39.52
CA ARG B 24 -22.12 13.52 39.38
C ARG B 24 -21.64 13.51 37.93
N ASN B 25 -22.09 12.55 37.12
CA ASN B 25 -21.65 12.49 35.73
C ASN B 25 -22.59 13.22 34.76
N LEU B 26 -23.64 13.88 35.25
CA LEU B 26 -24.45 14.71 34.37
C LEU B 26 -23.67 15.92 33.89
N LEU B 27 -22.99 16.61 34.81
CA LEU B 27 -22.19 17.79 34.49
C LEU B 27 -20.72 17.42 34.58
N SER B 28 -20.07 17.31 33.43
CA SER B 28 -18.64 17.02 33.35
C SER B 28 -17.87 18.33 33.22
N GLY B 29 -17.06 18.66 34.22
CA GLY B 29 -16.21 19.82 34.12
C GLY B 29 -15.24 19.71 32.97
N ILE B 30 -14.76 20.87 32.51
CA ILE B 30 -13.86 20.90 31.36
C ILE B 30 -12.62 20.10 31.65
N VAL B 31 -12.30 19.17 30.75
CA VAL B 31 -11.03 18.46 30.83
C VAL B 31 -9.92 19.48 30.64
N GLN B 32 -9.12 19.68 31.68
CA GLN B 32 -8.09 20.70 31.64
C GLN B 32 -7.00 20.34 30.63
N GLN B 33 -6.28 21.37 30.17
CA GLN B 33 -5.21 21.17 29.21
C GLN B 33 -4.12 20.26 29.81
N GLN B 34 -3.80 19.18 29.09
CA GLN B 34 -2.70 18.33 29.52
C GLN B 34 -1.38 19.09 29.53
N ASN B 35 -1.26 20.10 28.68
CA ASN B 35 -0.07 20.93 28.64
C ASN B 35 -0.44 22.41 28.73
N GLN B 36 0.01 26.60 24.48
CA GLN B 36 0.57 26.65 23.14
C GLN B 36 -0.52 26.83 22.09
N HIS B 37 -1.43 25.87 22.03
CA HIS B 37 -2.56 25.92 21.10
C HIS B 37 -3.87 26.15 21.84
N LEU B 38 -3.86 27.10 22.80
CA LEU B 38 -5.10 27.53 23.41
C LEU B 38 -5.94 28.35 22.44
N LEU B 39 -5.29 29.10 21.56
CA LEU B 39 -5.95 29.78 20.44
C LEU B 39 -6.09 28.79 19.29
N GLN B 40 -7.31 28.57 18.84
CA GLN B 40 -7.59 27.54 17.84
C GLN B 40 -8.54 28.11 16.78
N LEU B 41 -8.83 27.30 15.78
CA LEU B 41 -9.74 27.69 14.71
C LEU B 41 -11.11 28.05 15.29
N THR B 42 -11.67 29.15 14.81
CA THR B 42 -12.99 29.57 15.27
C THR B 42 -14.04 28.51 14.96
N VAL B 43 -14.01 27.95 13.75
CA VAL B 43 -15.02 26.98 13.35
C VAL B 43 -15.00 25.76 14.26
N TRP B 44 -13.82 25.36 14.74
CA TRP B 44 -13.75 24.16 15.56
C TRP B 44 -14.35 24.37 16.94
N GLY B 45 -14.03 25.51 17.59
CA GLY B 45 -14.53 25.75 18.92
C GLY B 45 -16.02 26.04 19.01
N ILE B 46 -16.65 26.38 17.88
CA ILE B 46 -18.05 26.76 17.90
C ILE B 46 -18.94 25.59 18.31
N LYS B 47 -18.58 24.37 17.87
CA LYS B 47 -19.38 23.20 18.21
C LYS B 47 -19.30 22.89 19.70
N GLN B 48 -18.08 22.86 20.23
CA GLN B 48 -17.87 22.49 21.64
C GLN B 48 -18.56 23.44 22.59
N LEU B 49 -18.45 24.75 22.32
CA LEU B 49 -19.08 25.74 23.20
C LEU B 49 -20.60 25.62 23.18
N GLN B 50 -21.18 25.42 21.99
CA GLN B 50 -22.62 25.24 21.90
C GLN B 50 -23.07 23.98 22.64
N ALA B 51 -22.27 22.92 22.56
CA ALA B 51 -22.60 21.70 23.30
C ALA B 51 -22.57 21.93 24.80
N ARG B 52 -21.53 22.62 25.29
CA ARG B 52 -21.47 22.94 26.71
C ARG B 52 -22.65 23.79 27.15
N ILE B 53 -23.04 24.77 26.32
CA ILE B 53 -24.17 25.63 26.68
C ILE B 53 -25.46 24.82 26.72
N LEU B 54 -25.64 23.91 25.77
CA LEU B 54 -26.85 23.08 25.79
C LEU B 54 -26.89 22.18 27.01
N ALA B 55 -25.73 21.61 27.39
CA ALA B 55 -25.67 20.79 28.59
C ALA B 55 -26.04 21.60 29.83
N VAL B 56 -25.44 22.79 29.97
CA VAL B 56 -25.72 23.65 31.12
C VAL B 56 -27.19 24.04 31.14
N GLU B 57 -27.77 24.31 29.97
CA GLU B 57 -29.16 24.73 29.90
C GLU B 57 -30.10 23.60 30.30
N ARG B 58 -29.81 22.37 29.86
CA ARG B 58 -30.63 21.24 30.26
C ARG B 58 -30.53 21.00 31.76
N TYR B 59 -29.31 21.10 32.32
CA TYR B 59 -29.15 20.94 33.76
C TYR B 59 -29.94 22.00 34.52
N LEU B 60 -29.89 23.26 34.07
CA LEU B 60 -30.61 24.31 34.78
C LEU B 60 -32.11 24.21 34.57
N LYS B 61 -32.57 23.65 33.46
CA LYS B 61 -33.99 23.39 33.31
C LYS B 61 -34.47 22.33 34.30
N ASP B 62 -33.69 21.25 34.45
CA ASP B 62 -34.02 20.24 35.44
C ASP B 62 -34.00 20.82 36.85
N GLN B 63 -33.00 21.66 37.15
CA GLN B 63 -32.93 22.28 38.47
C GLN B 63 -34.05 23.28 38.68
N GLN B 64 -34.52 23.93 37.61
CA GLN B 64 -35.66 24.83 37.71
C GLN B 64 -36.93 24.05 38.04
N LEU B 65 -37.12 22.91 37.40
CA LEU B 65 -38.25 22.04 37.74
C LEU B 65 -38.16 21.59 39.19
N LEU B 66 -36.95 21.21 39.64
CA LEU B 66 -36.74 20.89 41.05
C LEU B 66 -37.16 22.05 41.95
N GLY B 67 -36.70 23.26 41.62
CA GLY B 67 -37.00 24.40 42.46
C GLY B 67 -38.48 24.70 42.55
N ILE B 68 -39.20 24.58 41.43
CA ILE B 68 -40.64 24.80 41.47
C ILE B 68 -41.40 23.61 42.04
N TRP B 69 -40.73 22.48 42.24
CA TRP B 69 -41.33 21.34 42.94
C TRP B 69 -40.90 21.24 44.39
N GLY B 70 -40.05 22.14 44.87
CA GLY B 70 -39.59 22.12 46.25
C GLY B 70 -38.71 20.94 46.60
N CYS B 71 -37.84 20.52 45.68
CA CYS B 71 -36.93 19.39 45.89
C CYS B 71 -35.54 19.77 45.37
N SER B 72 -35.08 20.97 45.70
CA SER B 72 -33.85 21.49 45.12
C SER B 72 -32.63 20.73 45.67
N GLY B 73 -32.57 20.53 46.98
CA GLY B 73 -31.41 19.95 47.60
C GLY B 73 -31.37 18.44 47.66
N LYS B 74 -32.42 17.74 47.23
CA LYS B 74 -32.50 16.30 47.33
C LYS B 74 -32.61 15.68 45.95
N LEU B 75 -32.13 14.44 45.83
CA LEU B 75 -32.29 13.66 44.62
C LEU B 75 -33.61 12.89 44.61
N ILE B 76 -34.09 12.47 45.78
CA ILE B 76 -35.35 11.76 45.93
C ILE B 76 -36.24 12.55 46.88
N CYS B 77 -37.50 12.77 46.48
CA CYS B 77 -38.43 13.48 47.34
C CYS B 77 -39.84 12.96 47.08
N CYS B 78 -40.57 12.72 48.17
CA CYS B 78 -41.96 12.30 48.10
C CYS B 78 -42.87 13.52 48.02
N THR B 79 -43.99 13.37 47.33
CA THR B 79 -44.92 14.46 47.05
C THR B 79 -46.30 14.11 47.57
N THR B 80 -47.18 15.11 47.56
CA THR B 80 -48.54 14.96 48.07
C THR B 80 -49.53 14.51 47.01
N VAL B 81 -49.16 14.51 45.74
CA VAL B 81 -50.06 14.16 44.65
C VAL B 81 -50.34 12.66 44.68
N PRO B 82 -51.61 12.16 44.80
CA PRO B 82 -51.86 10.72 44.71
C PRO B 82 -51.70 10.16 43.30
N TRP B 83 -51.26 8.92 43.17
CA TRP B 83 -51.19 8.31 41.81
C TRP B 83 -52.62 8.10 41.31
N ASN B 84 -52.91 8.53 40.08
CA ASN B 84 -54.24 8.30 39.47
C ASN B 84 -54.13 6.99 38.70
N SER B 85 -55.06 6.05 38.91
CA SER B 85 -54.92 4.73 38.31
C SER B 85 -54.96 4.76 36.78
N SER B 86 -55.43 5.88 36.23
CA SER B 86 -55.48 6.12 34.76
C SER B 86 -54.09 5.86 34.20
N TRP B 87 -53.09 6.56 34.74
CA TRP B 87 -51.71 6.49 34.18
C TRP B 87 -51.12 5.08 34.26
N SER B 88 -51.24 4.39 35.40
CA SER B 88 -50.76 2.99 35.48
C SER B 88 -51.63 2.19 36.44
N ASN B 89 -51.88 0.91 36.12
CA ASN B 89 -52.68 0.06 37.03
C ASN B 89 -51.79 -0.92 37.80
N ARG B 90 -50.53 -1.11 37.38
CA ARG B 90 -49.69 -2.09 38.05
C ARG B 90 -49.34 -1.63 39.47
N SER B 91 -49.07 -2.59 40.34
CA SER B 91 -48.85 -2.34 41.75
C SER B 91 -47.39 -2.01 42.01
N LEU B 92 -46.99 -2.03 43.29
CA LEU B 92 -45.64 -1.65 43.65
C LEU B 92 -44.62 -2.71 43.21
N ASN B 93 -44.89 -3.98 43.51
CA ASN B 93 -43.96 -5.04 43.15
C ASN B 93 -43.90 -5.24 41.64
N ASP B 94 -45.00 -5.01 40.93
CA ASP B 94 -45.01 -5.10 39.47
C ASP B 94 -44.17 -4.01 38.82
N ILE B 95 -43.77 -2.98 39.57
CA ILE B 95 -43.08 -1.82 39.03
C ILE B 95 -41.60 -1.80 39.44
N TRP B 96 -41.34 -1.79 40.75
CA TRP B 96 -39.98 -1.53 41.23
C TRP B 96 -39.06 -2.73 41.08
N GLN B 97 -39.58 -3.94 40.94
CA GLN B 97 -38.75 -5.12 40.84
C GLN B 97 -38.83 -5.83 39.48
N ASN B 98 -39.98 -5.76 38.82
CA ASN B 98 -40.17 -6.46 37.55
C ASN B 98 -39.72 -5.62 36.35
N MET B 99 -39.98 -4.32 36.38
CA MET B 99 -39.73 -3.45 35.23
C MET B 99 -38.49 -2.59 35.44
N THR B 100 -38.00 -2.05 34.33
CA THR B 100 -36.92 -1.08 34.33
C THR B 100 -37.47 0.32 34.04
N TRP B 101 -36.66 1.33 34.31
CA TRP B 101 -37.11 2.71 34.15
C TRP B 101 -37.38 3.08 32.70
N MET B 102 -36.75 2.38 31.75
CA MET B 102 -36.93 2.65 30.33
C MET B 102 -38.39 2.48 29.91
N GLU B 103 -38.86 1.23 29.94
CA GLU B 103 -40.26 0.92 29.53
C GLU B 103 -41.20 1.74 30.40
N TRP B 104 -40.81 1.95 31.67
CA TRP B 104 -41.68 2.71 32.60
C TRP B 104 -41.84 4.14 32.10
N GLU B 105 -40.74 4.76 31.67
CA GLU B 105 -40.81 6.16 31.20
C GLU B 105 -41.73 6.20 29.97
N ARG B 106 -41.59 5.24 29.07
CA ARG B 106 -42.43 5.22 27.83
C ARG B 106 -43.89 5.09 28.23
N GLU B 107 -44.19 4.25 29.22
CA GLU B 107 -45.59 4.05 29.68
C GLU B 107 -46.15 5.37 30.23
N ILE B 108 -45.35 6.13 30.98
CA ILE B 108 -45.91 7.37 31.60
C ILE B 108 -45.47 8.60 30.80
N ASP B 109 -44.88 8.41 29.62
CA ASP B 109 -44.37 9.58 28.86
C ASP B 109 -45.53 10.50 28.49
N ASN B 110 -46.66 9.92 28.10
CA ASN B 110 -47.86 10.72 27.74
C ASN B 110 -48.32 11.51 28.98
N TYR B 111 -48.30 10.87 30.14
CA TYR B 111 -48.83 11.51 31.37
C TYR B 111 -47.73 12.28 32.11
N THR B 112 -46.48 12.23 31.66
CA THR B 112 -45.39 12.88 32.45
C THR B 112 -45.66 14.38 32.53
N GLY B 113 -46.09 15.01 31.44
CA GLY B 113 -46.43 16.45 31.47
C GLY B 113 -47.58 16.72 32.42
N LEU B 114 -48.61 15.86 32.39
CA LEU B 114 -49.78 16.05 33.28
C LEU B 114 -49.34 15.93 34.75
N ILE B 115 -48.49 14.96 35.07
CA ILE B 115 -47.98 14.84 36.47
C ILE B 115 -47.16 16.10 36.81
N TYR B 116 -46.34 16.59 35.87
CA TYR B 116 -45.46 17.75 36.17
C TYR B 116 -46.32 18.94 36.59
N THR B 117 -47.36 19.27 35.82
CA THR B 117 -48.26 20.37 36.17
C THR B 117 -48.89 20.13 37.53
N LEU B 118 -49.28 18.89 37.82
CA LEU B 118 -49.84 18.57 39.13
C LEU B 118 -48.82 18.78 40.25
N ILE B 119 -47.63 18.21 40.08
CA ILE B 119 -46.58 18.35 41.09
C ILE B 119 -46.27 19.83 41.34
N GLU B 120 -46.39 20.66 40.31
CA GLU B 120 -46.06 22.08 40.48
C GLU B 120 -47.21 22.87 41.12
N GLU B 121 -48.45 22.53 40.77
CA GLU B 121 -49.60 23.33 41.16
C GLU B 121 -50.32 22.81 42.41
N SER B 122 -50.69 21.53 42.42
CA SER B 122 -51.53 21.00 43.48
C SER B 122 -50.86 21.12 44.84
N GLN B 123 -49.61 20.69 44.94
CA GLN B 123 -48.96 20.70 46.24
C GLN B 123 -48.27 22.03 46.53
N ASN B 124 -47.14 22.34 45.88
CA ASN B 124 -46.26 23.40 46.37
C ASN B 124 -46.95 24.75 46.43
N GLN B 125 -47.80 25.06 45.44
CA GLN B 125 -48.45 26.37 45.43
C GLN B 125 -49.49 26.49 46.55
N GLN B 126 -50.07 25.36 46.98
CA GLN B 126 -50.93 25.39 48.16
C GLN B 126 -50.13 25.32 49.45
N GLU B 127 -49.00 24.62 49.42
CA GLU B 127 -48.15 24.48 50.61
C GLU B 127 -47.57 25.82 51.03
N LYS B 128 -47.09 26.60 50.06
CA LYS B 128 -46.55 27.92 50.38
C LYS B 128 -47.63 28.85 50.91
N ASN B 129 -48.83 28.79 50.32
CA ASN B 129 -49.93 29.62 50.79
C ASN B 129 -50.34 29.24 52.21
N GLU B 130 -50.43 27.93 52.49
CA GLU B 130 -50.78 27.50 53.84
C GLU B 130 -49.66 27.77 54.83
N GLN B 131 -48.41 27.81 54.36
CA GLN B 131 -47.31 28.18 55.25
C GLN B 131 -47.37 29.66 55.60
N GLU B 132 -47.71 30.51 54.63
CA GLU B 132 -47.85 31.92 54.92
C GLU B 132 -49.06 32.18 55.81
N LEU B 133 -50.16 31.45 55.58
CA LEU B 133 -51.34 31.58 56.42
C LEU B 133 -51.16 30.94 57.80
N LEU B 134 -50.18 30.06 57.94
CA LEU B 134 -49.91 29.38 59.20
C LEU B 134 -48.93 30.16 60.07
N GLU B 135 -47.85 30.65 59.48
CA GLU B 135 -46.87 31.47 60.19
C GLU B 135 -47.21 32.95 60.15
N LEU B 136 -48.44 33.30 59.75
CA LEU B 136 -48.89 34.69 59.79
C LEU B 136 -49.07 35.22 61.20
N ASP B 137 -49.12 34.35 62.19
CA ASP B 137 -49.40 34.75 63.56
C ASP B 137 -48.33 34.26 64.53
N GLN C 1 -45.27 -17.20 26.03
CA GLN C 1 -45.74 -18.57 25.86
C GLN C 1 -44.59 -19.57 25.98
N LEU C 2 -44.87 -20.70 26.61
CA LEU C 2 -43.88 -21.76 26.84
C LEU C 2 -44.36 -23.01 26.12
N VAL C 3 -43.65 -23.40 25.06
CA VAL C 3 -43.99 -24.57 24.26
C VAL C 3 -42.94 -25.64 24.52
N GLN C 4 -43.37 -26.77 25.07
CA GLN C 4 -42.46 -27.86 25.38
C GLN C 4 -42.36 -28.84 24.21
N SER C 5 -41.48 -29.82 24.37
CA SER C 5 -41.32 -30.85 23.36
C SER C 5 -42.52 -31.79 23.36
N GLY C 6 -42.67 -32.53 22.27
CA GLY C 6 -43.72 -33.52 22.18
C GLY C 6 -43.49 -34.67 23.14
N ALA C 7 -44.51 -35.51 23.26
CA ALA C 7 -44.44 -36.66 24.15
C ALA C 7 -43.40 -37.65 23.64
N GLU C 8 -42.75 -38.33 24.58
CA GLU C 8 -41.73 -39.31 24.29
C GLU C 8 -41.96 -40.57 25.12
N LEU C 9 -41.70 -41.73 24.51
CA LEU C 9 -41.80 -43.01 25.19
C LEU C 9 -40.40 -43.59 25.32
N LYS C 10 -39.99 -43.91 26.55
CA LYS C 10 -38.65 -44.39 26.83
C LYS C 10 -38.71 -45.59 27.76
N LYS C 11 -37.77 -46.50 27.59
CA LYS C 11 -37.68 -47.70 28.41
C LYS C 11 -37.05 -47.37 29.76
N PRO C 12 -37.39 -48.13 30.80
CA PRO C 12 -36.72 -47.94 32.09
C PRO C 12 -35.23 -48.24 31.99
N GLY C 13 -34.43 -47.37 32.61
CA GLY C 13 -32.99 -47.48 32.52
C GLY C 13 -32.36 -46.66 31.42
N ALA C 14 -33.15 -46.09 30.52
CA ALA C 14 -32.66 -45.24 29.45
C ALA C 14 -32.77 -43.78 29.87
N SER C 15 -32.47 -42.87 28.94
CA SER C 15 -32.50 -41.44 29.20
C SER C 15 -33.31 -40.74 28.12
N VAL C 16 -33.82 -39.56 28.46
CA VAL C 16 -34.62 -38.76 27.55
C VAL C 16 -34.31 -37.28 27.80
N LYS C 17 -34.34 -36.50 26.73
CA LYS C 17 -34.08 -35.07 26.79
C LYS C 17 -35.33 -34.32 26.37
N ILE C 18 -35.77 -33.38 27.20
CA ILE C 18 -37.02 -32.66 27.01
C ILE C 18 -36.69 -31.18 26.80
N SER C 19 -37.31 -30.58 25.80
CA SER C 19 -37.08 -29.18 25.46
C SER C 19 -38.25 -28.32 25.90
N CYS C 20 -37.96 -27.05 26.19
CA CYS C 20 -38.98 -26.08 26.58
C CYS C 20 -38.54 -24.72 26.02
N LYS C 21 -39.08 -24.37 24.85
CA LYS C 21 -38.70 -23.15 24.16
C LYS C 21 -39.60 -22.00 24.59
N THR C 22 -39.00 -20.81 24.73
CA THR C 22 -39.70 -19.63 25.24
C THR C 22 -39.71 -18.53 24.20
N SER C 23 -40.63 -17.59 24.38
CA SER C 23 -40.77 -16.42 23.51
C SER C 23 -41.68 -15.40 24.18
N GLY C 24 -41.50 -14.14 23.81
CA GLY C 24 -42.36 -13.07 24.28
C GLY C 24 -41.91 -12.37 25.54
N TYR C 25 -40.71 -12.66 26.04
CA TYR C 25 -40.22 -12.04 27.27
C TYR C 25 -38.72 -12.20 27.33
N ARG C 26 -38.09 -11.44 28.24
CA ARG C 26 -36.64 -11.50 28.42
C ARG C 26 -36.28 -12.80 29.12
N PHE C 27 -35.58 -13.68 28.41
CA PHE C 27 -35.30 -15.03 28.89
C PHE C 27 -34.40 -15.07 30.12
N ASN C 28 -33.63 -14.01 30.38
CA ASN C 28 -32.61 -14.07 31.41
C ASN C 28 -33.17 -13.77 32.80
N PHE C 29 -34.23 -12.98 32.91
CA PHE C 29 -34.71 -12.56 34.23
C PHE C 29 -35.36 -13.73 34.98
N TYR C 30 -36.23 -14.47 34.30
CA TYR C 30 -37.11 -15.42 34.96
C TYR C 30 -36.44 -16.80 35.00
N HIS C 31 -36.23 -17.31 36.21
CA HIS C 31 -35.64 -18.64 36.36
C HIS C 31 -36.59 -19.70 35.82
N ILE C 32 -36.03 -20.66 35.08
CA ILE C 32 -36.81 -21.72 34.47
C ILE C 32 -36.84 -22.92 35.41
N ASN C 33 -38.04 -23.43 35.68
CA ASN C 33 -38.26 -24.49 36.66
C ASN C 33 -38.69 -25.78 35.99
N TRP C 34 -38.65 -26.85 36.78
CA TRP C 34 -39.15 -28.17 36.37
C TRP C 34 -39.76 -28.80 37.61
N ILE C 35 -41.10 -28.82 37.64
CA ILE C 35 -41.81 -29.07 38.92
C ILE C 35 -42.68 -30.35 39.01
N ARG C 36 -43.08 -30.98 37.93
CA ARG C 36 -43.97 -32.16 38.13
C ARG C 36 -43.27 -33.42 37.65
N GLN C 37 -43.23 -34.48 38.46
CA GLN C 37 -42.62 -35.75 38.01
C GLN C 37 -43.71 -36.71 37.54
N THR C 38 -44.45 -37.31 38.49
CA THR C 38 -45.55 -38.20 38.16
C THR C 38 -46.84 -37.70 38.82
N ALA C 39 -47.96 -37.94 38.15
CA ALA C 39 -49.24 -37.45 38.64
C ALA C 39 -49.70 -38.23 39.88
N GLY C 40 -49.43 -39.53 39.93
CA GLY C 40 -49.86 -40.33 41.05
C GLY C 40 -49.12 -39.99 42.34
N ARG C 41 -47.81 -39.81 42.24
CA ARG C 41 -47.02 -39.46 43.42
C ARG C 41 -47.38 -38.07 43.93
N GLY C 42 -47.87 -37.21 43.01
CA GLY C 42 -48.27 -35.83 43.40
C GLY C 42 -47.23 -34.83 42.93
N PRO C 43 -47.57 -33.53 42.92
CA PRO C 43 -46.63 -32.50 42.47
C PRO C 43 -45.34 -32.59 43.28
N GLU C 44 -44.21 -32.80 42.58
CA GLU C 44 -42.91 -32.96 43.27
C GLU C 44 -41.86 -32.06 42.60
N TRP C 45 -41.51 -30.94 43.22
CA TRP C 45 -40.52 -30.03 42.66
C TRP C 45 -39.17 -30.72 42.51
N MET C 46 -38.49 -30.42 41.41
CA MET C 46 -37.24 -31.10 41.07
C MET C 46 -36.04 -30.15 41.04
N GLY C 47 -36.14 -29.01 40.35
CA GLY C 47 -35.04 -28.08 40.31
C GLY C 47 -35.33 -26.93 39.38
N TRP C 48 -34.48 -25.91 39.47
CA TRP C 48 -34.55 -24.74 38.62
C TRP C 48 -33.16 -24.37 38.15
N ILE C 49 -33.09 -23.46 37.18
CA ILE C 49 -31.83 -22.98 36.63
C ILE C 49 -32.02 -21.53 36.19
N SER C 50 -30.95 -20.75 36.32
CA SER C 50 -30.98 -19.35 35.95
C SER C 50 -30.35 -19.17 34.58
N PRO C 51 -31.11 -18.74 33.57
CA PRO C 51 -30.50 -18.49 32.25
C PRO C 51 -29.51 -17.35 32.27
N TYR C 52 -29.65 -16.41 33.21
CA TYR C 52 -28.71 -15.29 33.30
C TYR C 52 -27.37 -15.74 33.88
N SER C 53 -27.39 -16.60 34.89
CA SER C 53 -26.17 -17.12 35.48
C SER C 53 -25.98 -18.59 35.10
N ALA C 54 -32.55 -29.42 43.91
CA ALA C 54 -32.44 -30.83 43.57
C ALA C 54 -31.67 -31.59 44.64
N PRO C 55 -32.34 -31.93 45.74
CA PRO C 55 -31.67 -32.65 46.83
C PRO C 55 -31.21 -34.03 46.39
N ALA C 56 -32.13 -34.84 45.89
CA ALA C 56 -31.82 -36.16 45.36
C ALA C 56 -31.97 -36.23 43.84
N PHE C 57 -32.56 -35.21 43.22
CA PHE C 57 -32.74 -35.23 41.77
C PHE C 57 -31.44 -34.96 41.03
N GLN C 58 -30.48 -34.28 41.66
CA GLN C 58 -29.22 -33.94 41.00
C GLN C 58 -28.47 -35.18 40.54
N ASP C 59 -28.67 -36.32 41.21
CA ASP C 59 -27.96 -37.54 40.87
C ASP C 59 -28.29 -38.04 39.46
N ARG C 60 -29.46 -37.67 38.92
CA ARG C 60 -29.86 -38.13 37.60
C ARG C 60 -30.43 -37.03 36.70
N VAL C 61 -30.42 -35.78 37.15
CA VAL C 61 -30.98 -34.66 36.39
C VAL C 61 -29.83 -33.74 35.97
N ILE C 62 -29.80 -33.38 34.70
CA ILE C 62 -28.79 -32.46 34.15
C ILE C 62 -29.54 -31.44 33.30
N MET C 63 -29.86 -30.29 33.88
CA MET C 63 -30.57 -29.25 33.15
C MET C 63 -29.64 -28.54 32.18
N THR C 64 -30.21 -28.05 31.07
CA THR C 64 -29.44 -27.43 30.00
C THR C 64 -30.12 -26.13 29.58
N THR C 65 -29.34 -25.20 29.04
CA THR C 65 -29.83 -23.93 28.55
C THR C 65 -29.19 -23.60 27.21
N ASP C 66 -29.95 -22.94 26.32
CA ASP C 66 -29.49 -22.57 24.99
C ASP C 66 -29.30 -21.07 24.82
N THR C 67 -29.15 -20.32 25.92
CA THR C 67 -28.95 -18.87 25.88
C THR C 67 -30.10 -18.15 25.17
N GLU C 68 -29.90 -16.88 24.83
CA GLU C 68 -30.97 -15.99 24.40
C GLU C 68 -30.65 -15.38 23.04
N VAL C 69 -31.70 -15.16 22.26
CA VAL C 69 -31.61 -14.54 20.94
C VAL C 69 -32.58 -13.36 20.92
N PRO C 70 -32.12 -12.16 20.56
CA PRO C 70 -32.96 -10.97 20.69
C PRO C 70 -33.82 -10.67 19.46
N VAL C 71 -35.04 -10.22 19.73
CA VAL C 71 -36.00 -9.85 18.68
C VAL C 71 -36.63 -8.53 19.10
N THR C 72 -36.16 -7.43 18.50
CA THR C 72 -36.57 -6.06 18.83
C THR C 72 -36.29 -5.71 20.29
N SER C 73 -36.90 -4.63 20.78
CA SER C 73 -36.41 -4.00 22.00
C SER C 73 -36.77 -4.80 23.25
N PHE C 74 -37.97 -5.38 23.27
CA PHE C 74 -38.46 -6.02 24.48
C PHE C 74 -38.59 -7.54 24.38
N THR C 75 -39.17 -8.07 23.31
CA THR C 75 -39.33 -9.52 23.21
C THR C 75 -37.99 -10.19 22.95
N SER C 76 -37.89 -11.45 23.38
CA SER C 76 -36.66 -12.22 23.22
C SER C 76 -36.98 -13.71 23.26
N THR C 77 -36.15 -14.50 22.60
CA THR C 77 -36.32 -15.94 22.54
C THR C 77 -35.17 -16.66 23.24
N GLY C 78 -35.44 -17.89 23.64
CA GLY C 78 -34.44 -18.72 24.27
C GLY C 78 -34.91 -20.15 24.34
N ALA C 79 -34.16 -20.98 25.07
CA ALA C 79 -34.53 -22.38 25.21
C ALA C 79 -33.83 -22.97 26.42
N ALA C 80 -34.39 -24.07 26.92
CA ALA C 80 -33.84 -24.79 28.06
C ALA C 80 -34.28 -26.25 27.97
N TYR C 81 -33.37 -27.15 28.35
CA TYR C 81 -33.64 -28.58 28.33
C TYR C 81 -33.47 -29.17 29.72
N MET C 82 -33.72 -30.48 29.80
CA MET C 82 -33.52 -31.25 31.03
C MET C 82 -33.34 -32.71 30.64
N GLU C 83 -32.27 -33.32 31.15
CA GLU C 83 -31.93 -34.70 30.81
C GLU C 83 -32.03 -35.55 32.07
N ILE C 84 -33.01 -36.47 32.09
CA ILE C 84 -33.20 -37.40 33.19
C ILE C 84 -32.76 -38.78 32.74
N ARG C 85 -32.03 -39.48 33.61
CA ARG C 85 -31.46 -40.78 33.30
C ARG C 85 -31.92 -41.81 34.32
N ASN C 86 -31.69 -43.08 33.99
CA ASN C 86 -32.05 -44.21 34.84
C ASN C 86 -33.54 -44.21 35.19
N THR C 87 -46.60 -36.38 33.99
CA THR C 87 -46.47 -35.11 33.29
C THR C 87 -45.35 -34.27 33.90
N TYR C 88 -44.60 -33.58 33.03
CA TYR C 88 -43.51 -32.69 33.49
C TYR C 88 -43.78 -31.28 32.96
N PHE C 89 -43.55 -30.27 33.78
CA PHE C 89 -43.89 -28.89 33.36
C PHE C 89 -42.68 -27.97 33.44
N CYS C 90 -42.62 -26.96 32.58
CA CYS C 90 -41.56 -25.93 32.71
C CYS C 90 -42.33 -24.63 33.01
N ALA C 91 -41.79 -23.80 33.90
CA ALA C 91 -42.47 -22.60 34.35
C ALA C 91 -41.54 -21.39 34.31
N LYS C 92 -42.15 -20.21 34.24
CA LYS C 92 -41.43 -18.95 34.18
C LYS C 92 -41.35 -18.33 35.57
N GLY C 93 -40.18 -17.80 35.91
CA GLY C 93 -39.94 -17.29 37.24
C GLY C 93 -40.81 -16.11 37.62
N LEU C 94 -40.80 -15.80 38.91
CA LEU C 94 -41.46 -14.62 39.44
C LEU C 94 -40.66 -14.16 40.66
N LEU C 95 -41.19 -13.15 41.36
CA LEU C 95 -40.39 -12.33 42.27
C LEU C 95 -40.49 -12.87 43.69
N ARG C 96 -39.55 -13.75 44.05
CA ARG C 96 -39.40 -14.18 45.44
C ARG C 96 -38.49 -13.26 46.23
N ASP C 97 -37.66 -12.47 45.56
CA ASP C 97 -36.78 -11.47 46.18
C ASP C 97 -35.83 -12.17 47.15
N GLY C 98 -35.42 -11.48 48.21
CA GLY C 98 -34.43 -12.01 49.11
C GLY C 98 -33.09 -12.21 48.42
N SER C 99 -32.70 -13.46 48.21
CA SER C 99 -31.47 -13.77 47.49
C SER C 99 -31.74 -14.04 46.01
N SER C 100 -32.71 -14.90 45.72
CA SER C 100 -33.03 -15.27 44.33
C SER C 100 -34.53 -15.33 44.16
N THR C 101 -34.97 -15.06 42.92
CA THR C 101 -36.39 -15.03 42.56
C THR C 101 -36.62 -16.09 41.49
N TRP C 102 -37.53 -17.04 41.78
CA TRP C 102 -37.77 -18.12 40.83
C TRP C 102 -39.21 -18.64 40.85
N LEU C 103 -40.16 -17.87 41.35
CA LEU C 103 -41.51 -18.37 41.58
C LEU C 103 -42.16 -18.80 40.27
N PRO C 104 -42.66 -20.04 40.17
CA PRO C 104 -43.34 -20.47 38.94
C PRO C 104 -44.66 -19.75 38.72
N TYR C 105 -44.68 -18.84 37.75
CA TYR C 105 -45.85 -18.03 37.45
C TYR C 105 -46.50 -18.40 36.12
N LEU C 106 -45.71 -18.33 35.03
CA LEU C 106 -46.26 -18.73 33.71
C LEU C 106 -45.83 -20.16 33.41
N TRP C 107 -46.78 -21.05 33.16
CA TRP C 107 -46.45 -22.49 32.99
C TRP C 107 -46.51 -22.88 31.52
N GLY C 108 -46.14 -24.13 31.22
CA GLY C 108 -46.20 -24.63 29.83
C GLY C 108 -47.33 -25.60 29.59
N GLN C 109 -47.67 -25.84 28.32
CA GLN C 109 -48.74 -26.75 27.92
C GLN C 109 -48.22 -28.13 27.55
N GLY C 110 -46.94 -28.38 27.72
CA GLY C 110 -46.37 -29.65 27.30
C GLY C 110 -46.72 -30.78 28.26
N THR C 111 -46.99 -31.95 27.69
CA THR C 111 -47.28 -33.16 28.44
C THR C 111 -46.37 -34.28 27.94
N LEU C 112 -46.37 -35.40 28.65
CA LEU C 112 -45.49 -36.51 28.33
C LEU C 112 -46.28 -37.82 28.40
N LEU C 113 -45.56 -38.93 28.28
CA LEU C 113 -46.14 -40.26 28.26
C LEU C 113 -45.46 -41.13 29.31
N THR C 114 -46.10 -42.26 29.62
CA THR C 114 -45.58 -43.17 30.62
C THR C 114 -44.33 -43.89 30.11
N VAL C 115 -43.50 -44.33 31.04
CA VAL C 115 -42.32 -45.13 30.74
C VAL C 115 -42.64 -46.59 31.00
N SER C 116 -42.14 -47.46 30.14
CA SER C 116 -42.44 -48.89 30.22
C SER C 116 -41.53 -49.64 29.27
N SER C 117 -41.44 -50.95 29.49
CA SER C 117 -40.67 -51.83 28.61
C SER C 117 -41.46 -52.28 27.39
N ALA C 118 -42.71 -51.86 27.26
CA ALA C 118 -43.51 -52.22 26.11
C ALA C 118 -43.17 -51.34 24.91
N SER C 119 -43.64 -51.74 23.74
CA SER C 119 -43.37 -51.04 22.49
C SER C 119 -44.56 -50.18 22.09
N THR C 120 -44.29 -49.24 21.18
CA THR C 120 -45.33 -48.34 20.69
C THR C 120 -46.31 -49.09 19.79
N LYS C 121 -47.59 -48.77 19.92
CA LYS C 121 -48.63 -49.39 19.11
C LYS C 121 -49.54 -48.29 18.56
N GLY C 122 -49.85 -48.39 17.26
CA GLY C 122 -50.71 -47.42 16.62
C GLY C 122 -52.17 -47.73 16.84
N PRO C 123 -53.03 -46.71 16.72
CA PRO C 123 -54.48 -46.87 16.92
C PRO C 123 -55.17 -47.55 15.75
N CYS C 124 -66.57 -41.98 14.56
CA CYS C 124 -65.15 -42.28 14.73
C CYS C 124 -64.89 -42.84 16.12
N LEU C 125 -64.05 -43.87 16.19
CA LEU C 125 -63.77 -44.56 17.45
C LEU C 125 -62.36 -45.10 17.42
N VAL C 126 -61.56 -44.71 18.41
CA VAL C 126 -60.16 -45.12 18.50
C VAL C 126 -60.08 -46.38 19.35
N LYS C 127 -59.35 -47.39 18.86
CA LYS C 127 -59.23 -48.67 19.53
C LYS C 127 -57.77 -48.99 19.78
N ASP C 128 -57.42 -49.20 21.05
CA ASP C 128 -56.13 -49.75 21.47
C ASP C 128 -54.96 -48.88 20.97
N TYR C 129 -54.89 -47.67 21.54
CA TYR C 129 -53.79 -46.77 21.26
C TYR C 129 -52.81 -46.76 22.42
N PHE C 130 -51.52 -46.62 22.09
CA PHE C 130 -50.47 -46.63 23.10
C PHE C 130 -49.47 -45.50 22.85
N TYR C 131 -55.15 -48.61 26.31
CA TYR C 131 -55.97 -47.42 26.45
C TYR C 131 -56.94 -47.28 25.27
N SER C 132 -58.15 -46.81 25.56
CA SER C 132 -59.18 -46.64 24.53
C SER C 132 -60.02 -45.42 24.85
N LEU C 133 -60.27 -44.60 23.81
CA LEU C 133 -61.07 -43.39 23.97
C LEU C 133 -61.87 -43.17 22.70
N SER C 134 -62.79 -42.20 22.77
CA SER C 134 -63.64 -41.83 21.65
C SER C 134 -63.77 -40.33 21.60
N SER C 135 -64.58 -39.85 20.65
CA SER C 135 -64.86 -38.42 20.52
C SER C 135 -66.15 -38.26 19.73
N VAL C 136 -66.89 -37.21 20.05
CA VAL C 136 -68.21 -36.99 19.45
C VAL C 136 -68.45 -35.49 19.34
N VAL C 137 -69.25 -35.10 18.34
CA VAL C 137 -69.60 -33.71 18.09
C VAL C 137 -71.08 -33.64 17.77
N THR C 138 -71.65 -32.44 17.90
CA THR C 138 -73.06 -32.23 17.65
C THR C 138 -73.37 -32.40 16.16
N VAL C 139 -74.39 -33.19 15.86
CA VAL C 139 -74.83 -33.39 14.48
C VAL C 139 -76.20 -32.75 14.31
N PRO C 140 -76.48 -32.12 13.17
CA PRO C 140 -77.82 -31.56 12.94
C PRO C 140 -78.78 -32.62 12.44
N SER C 141 -80.05 -32.43 12.78
CA SER C 141 -81.09 -33.36 12.37
C SER C 141 -81.40 -33.22 10.88
N VAL D 1 -44.78 -34.03 53.23
CA VAL D 1 -44.91 -33.83 54.67
C VAL D 1 -45.92 -32.71 54.96
N LEU D 2 -46.18 -31.89 53.94
CA LEU D 2 -47.13 -30.79 54.08
C LEU D 2 -48.54 -31.32 53.85
N THR D 3 -49.38 -31.23 54.89
CA THR D 3 -50.71 -31.85 54.89
C THR D 3 -51.79 -30.77 54.79
N GLN D 4 -52.74 -30.98 53.88
CA GLN D 4 -53.89 -30.13 53.72
C GLN D 4 -55.14 -30.87 54.17
N SER D 5 -56.28 -30.18 54.10
CA SER D 5 -57.57 -30.85 54.23
C SER D 5 -57.84 -31.60 52.94
N ALA D 6 -58.09 -32.92 53.06
CA ALA D 6 -58.24 -33.76 51.88
C ALA D 6 -59.33 -33.24 50.96
N SER D 7 -60.44 -32.79 51.52
CA SER D 7 -61.51 -32.18 50.74
C SER D 7 -62.19 -31.12 51.59
N VAL D 8 -62.88 -30.21 50.92
CA VAL D 8 -63.61 -29.15 51.59
C VAL D 8 -64.74 -28.70 50.67
N SER D 9 -65.83 -28.24 51.26
CA SER D 9 -67.03 -27.88 50.51
C SER D 9 -67.57 -26.53 50.97
N GLY D 10 -68.23 -25.85 50.06
CA GLY D 10 -68.84 -24.56 50.36
C GLY D 10 -69.98 -24.27 49.42
N SER D 11 -70.99 -23.59 49.94
CA SER D 11 -72.17 -23.27 49.13
C SER D 11 -71.84 -22.15 48.15
N LEU D 12 -72.78 -21.90 47.24
CA LEU D 12 -72.60 -20.86 46.24
C LEU D 12 -72.64 -19.49 46.91
N GLY D 13 -71.61 -18.67 46.66
CA GLY D 13 -71.50 -17.38 47.28
C GLY D 13 -70.90 -17.38 48.68
N GLN D 14 -70.53 -18.54 49.19
CA GLN D 14 -69.97 -18.67 50.52
C GLN D 14 -68.45 -18.51 50.48
N SER D 15 -67.82 -18.53 51.65
CA SER D 15 -66.37 -18.44 51.78
C SER D 15 -65.84 -19.75 52.34
N VAL D 16 -65.08 -20.49 51.54
CA VAL D 16 -64.53 -21.76 51.94
C VAL D 16 -63.10 -21.55 52.42
N THR D 17 -62.59 -22.50 53.19
CA THR D 17 -61.25 -22.40 53.75
C THR D 17 -60.53 -23.73 53.60
N ILE D 18 -59.30 -23.69 53.10
CA ILE D 18 -58.46 -24.86 52.92
C ILE D 18 -57.29 -24.76 53.89
N SER D 19 -57.15 -25.78 54.75
CA SER D 19 -56.04 -25.81 55.68
C SER D 19 -54.78 -26.32 54.99
N CYS D 20 -53.63 -25.96 55.56
CA CYS D 20 -52.33 -26.38 55.04
C CYS D 20 -51.34 -26.36 56.20
N THR D 21 -51.07 -27.53 56.78
CA THR D 21 -50.15 -27.67 57.90
C THR D 21 -49.11 -28.73 57.58
N GLY D 22 -48.05 -28.76 58.38
CA GLY D 22 -46.98 -29.70 58.17
C GLY D 22 -46.18 -29.97 59.43
N PRO D 23 -44.96 -30.48 59.26
CA PRO D 23 -44.14 -30.81 60.42
C PRO D 23 -43.50 -29.56 61.02
N ASN D 24 -42.81 -29.78 62.14
CA ASN D 24 -42.09 -28.69 62.80
C ASN D 24 -40.87 -28.29 61.98
N SER D 25 -40.22 -29.24 61.33
CA SER D 25 -39.06 -28.94 60.50
C SER D 25 -39.44 -28.02 59.35
N VAL D 26 -40.54 -28.33 58.66
CA VAL D 26 -41.07 -27.46 57.62
C VAL D 26 -42.29 -26.75 58.18
N CYS D 27 -42.07 -25.68 58.93
CA CYS D 27 -43.13 -24.95 59.59
C CYS D 27 -43.64 -23.81 58.73
N CYS D 28 -44.95 -23.60 58.74
CA CYS D 28 -45.53 -22.49 57.99
C CYS D 28 -45.00 -21.15 58.48
N SER D 29 -44.83 -21.01 59.80
CA SER D 29 -44.37 -19.75 60.36
C SER D 29 -42.95 -19.42 59.92
N HIS D 30 -42.13 -20.43 59.66
CA HIS D 30 -40.73 -20.20 59.33
C HIS D 30 -40.54 -19.70 57.91
N LYS D 31 -41.38 -20.14 56.98
CA LYS D 31 -41.20 -19.86 55.56
C LYS D 31 -42.39 -19.06 55.03
N SER D 32 -42.47 -18.94 53.71
CA SER D 32 -43.59 -18.32 53.03
C SER D 32 -44.39 -19.40 52.30
N ILE D 33 -45.68 -19.11 52.06
CA ILE D 33 -46.61 -20.08 51.51
C ILE D 33 -47.27 -19.48 50.27
N SER D 34 -47.35 -20.27 49.21
CA SER D 34 -48.03 -19.88 47.98
C SER D 34 -49.08 -20.93 47.63
N TRP D 35 -50.19 -20.45 47.06
CA TRP D 35 -51.33 -21.34 46.71
C TRP D 35 -51.50 -21.39 45.20
N TYR D 36 -51.97 -22.54 44.70
CA TYR D 36 -52.14 -22.70 43.24
C TYR D 36 -53.51 -23.30 42.90
N GLN D 37 -54.20 -22.73 41.93
CA GLN D 37 -55.46 -23.35 41.47
C GLN D 37 -54.98 -24.30 40.37
N TRP D 38 -54.90 -25.59 40.64
CA TRP D 38 -54.26 -26.49 39.65
C TRP D 38 -55.22 -27.56 39.13
N PRO D 39 -55.96 -27.35 38.02
CA PRO D 39 -56.73 -28.45 37.41
C PRO D 39 -55.65 -29.44 37.00
N PRO D 40 -55.79 -30.76 37.25
CA PRO D 40 -54.68 -31.69 37.01
C PRO D 40 -54.15 -31.74 35.56
N GLY D 41 -55.04 -31.83 34.55
CA GLY D 41 -54.61 -31.78 33.13
C GLY D 41 -54.12 -30.42 32.68
N ARG D 42 -54.81 -29.35 33.10
CA ARG D 42 -54.48 -27.98 32.61
C ARG D 42 -53.25 -27.42 33.28
N ALA D 43 -52.72 -26.33 32.73
CA ALA D 43 -51.57 -25.65 33.36
C ALA D 43 -52.05 -24.93 34.62
N PRO D 44 -51.34 -25.05 35.76
CA PRO D 44 -51.78 -24.41 37.00
C PRO D 44 -51.70 -22.88 36.95
N THR D 45 -52.60 -22.23 37.70
CA THR D 45 -52.58 -20.75 37.75
C THR D 45 -52.22 -20.29 39.16
N LEU D 46 -51.22 -19.44 39.29
CA LEU D 46 -50.85 -18.89 40.59
C LEU D 46 -51.95 -17.97 41.10
N ILE D 47 -52.36 -18.17 42.35
CA ILE D 47 -53.42 -17.38 42.96
C ILE D 47 -52.92 -16.62 44.19
N ILE D 48 -52.05 -17.23 44.99
CA ILE D 48 -51.54 -16.62 46.21
C ILE D 48 -50.04 -16.90 46.30
N TYR D 49 -49.27 -15.89 46.71
CA TYR D 49 -47.84 -16.06 46.90
C TYR D 49 -47.38 -15.10 47.99
N GLU D 50 -46.24 -15.46 48.62
CA GLU D 50 -45.62 -14.69 49.70
C GLU D 50 -46.56 -14.48 50.88
N ASP D 51 -47.64 -15.27 50.95
CA ASP D 51 -48.60 -15.20 52.05
C ASP D 51 -49.34 -13.87 52.14
N ASN D 52 -49.00 -12.92 51.27
CA ASN D 52 -49.62 -11.61 51.29
C ASN D 52 -50.02 -11.21 49.88
N GLU D 53 -50.97 -10.27 49.81
CA GLU D 53 -51.46 -9.71 48.55
C GLU D 53 -52.00 -10.86 47.70
N ARG D 54 -51.70 -10.90 46.40
CA ARG D 54 -52.21 -11.92 45.51
C ARG D 54 -51.38 -11.91 44.23
N ALA D 55 -51.59 -12.93 43.40
CA ALA D 55 -50.98 -12.94 42.09
C ALA D 55 -51.62 -11.88 41.21
N PRO D 56 -50.88 -11.34 40.24
CA PRO D 56 -51.45 -10.29 39.37
C PRO D 56 -52.66 -10.81 38.59
N GLY D 57 -53.72 -9.99 38.59
CA GLY D 57 -54.95 -10.34 37.90
C GLY D 57 -55.94 -11.13 38.72
N ILE D 58 -55.54 -11.66 39.87
CA ILE D 58 -56.45 -12.45 40.69
C ILE D 58 -57.51 -11.55 41.30
N SER D 59 -58.76 -12.01 41.27
CA SER D 59 -59.85 -11.24 41.83
C SER D 59 -59.68 -11.10 43.34
N PRO D 60 -60.27 -10.07 43.95
CA PRO D 60 -60.14 -9.91 45.41
C PRO D 60 -60.91 -10.94 46.21
N ARG D 61 -61.46 -11.95 45.52
CA ARG D 61 -62.18 -13.01 46.22
C ARG D 61 -61.23 -13.93 46.98
N PHE D 62 -60.07 -14.21 46.40
CA PHE D 62 -59.09 -15.08 47.04
C PHE D 62 -58.34 -14.34 48.14
N SER D 63 -58.17 -15.02 49.28
CA SER D 63 -57.49 -14.43 50.42
C SER D 63 -56.72 -15.53 51.14
N GLY D 64 -55.63 -15.12 51.81
CA GLY D 64 -54.80 -16.06 52.53
C GLY D 64 -54.60 -15.61 53.97
N TYR D 65 -54.23 -16.59 54.80
CA TYR D 65 -53.96 -16.34 56.21
C TYR D 65 -53.04 -17.44 56.72
N LYS D 66 -51.91 -17.06 57.30
CA LYS D 66 -50.91 -18.01 57.77
C LYS D 66 -50.83 -17.93 59.29
N SER D 67 -51.27 -18.99 59.95
CA SER D 67 -51.01 -19.13 61.37
C SER D 67 -49.63 -19.75 61.58
N TYR D 68 -49.17 -19.72 62.83
CA TYR D 68 -47.84 -20.24 63.12
C TYR D 68 -47.76 -21.76 62.93
N TRP D 69 -48.90 -22.45 62.88
CA TRP D 69 -48.94 -23.89 62.72
C TRP D 69 -49.48 -24.33 61.36
N SER D 70 -50.47 -23.62 60.83
CA SER D 70 -51.12 -24.02 59.59
C SER D 70 -51.47 -22.78 58.79
N ALA D 71 -51.56 -22.96 57.47
CA ALA D 71 -52.00 -21.92 56.56
C ALA D 71 -53.44 -22.19 56.14
N TYR D 72 -54.13 -21.12 55.78
CA TYR D 72 -55.53 -21.20 55.35
C TYR D 72 -55.71 -20.36 54.09
N LEU D 73 -56.39 -20.94 53.09
CA LEU D 73 -56.75 -20.24 51.87
C LEU D 73 -58.26 -20.07 51.84
N THR D 74 -58.72 -18.82 51.78
CA THR D 74 -60.13 -18.50 51.79
C THR D 74 -60.56 -17.99 50.43
N ILE D 75 -61.61 -18.58 49.89
CA ILE D 75 -62.14 -18.22 48.57
C ILE D 75 -63.57 -17.72 48.79
N SER D 76 -63.73 -16.42 48.93
CA SER D 76 -65.05 -15.82 49.08
C SER D 76 -65.75 -15.77 47.72
N ASP D 77 -67.08 -15.73 47.77
CA ASP D 77 -67.94 -15.69 46.59
C ASP D 77 -67.59 -16.83 45.63
N LEU D 78 -67.93 -18.04 46.08
CA LEU D 78 -67.58 -19.25 45.35
C LEU D 78 -68.26 -19.28 43.99
N ARG D 79 -67.54 -19.76 42.99
CA ARG D 79 -67.99 -19.83 41.61
C ARG D 79 -67.94 -21.26 41.11
N PRO D 80 -68.69 -21.58 40.04
CA PRO D 80 -68.57 -22.94 39.46
C PRO D 80 -67.17 -23.27 38.98
N GLU D 81 -66.39 -22.27 38.57
CA GLU D 81 -65.01 -22.52 38.15
C GLU D 81 -64.10 -22.86 39.31
N ASP D 82 -64.49 -22.52 40.55
CA ASP D 82 -63.66 -22.79 41.71
C ASP D 82 -63.66 -24.25 42.11
N GLU D 83 -64.47 -25.10 41.47
CA GLU D 83 -64.50 -26.53 41.77
C GLU D 83 -63.32 -27.19 41.08
N THR D 84 -62.13 -26.91 41.64
CA THR D 84 -60.89 -27.49 41.08
C THR D 84 -60.00 -27.90 42.26
N THR D 85 -58.82 -28.39 41.97
CA THR D 85 -57.90 -28.85 43.05
C THR D 85 -56.97 -27.70 43.41
N TYR D 86 -56.72 -27.52 44.71
CA TYR D 86 -55.86 -26.40 45.17
C TYR D 86 -54.66 -26.97 45.94
N TYR D 87 -53.47 -26.46 45.63
CA TYR D 87 -52.25 -26.98 46.29
C TYR D 87 -51.53 -25.85 47.00
N CYS D 88 -51.01 -26.12 48.20
CA CYS D 88 -50.19 -25.08 48.88
C CYS D 88 -48.72 -25.44 48.72
N CYS D 89 -47.82 -24.49 48.98
CA CYS D 89 -46.40 -24.68 48.78
C CYS D 89 -45.61 -23.95 49.85
N SER D 90 -44.63 -24.65 50.44
CA SER D 90 -43.71 -24.06 51.41
C SER D 90 -42.35 -23.90 50.75
N TYR D 91 -41.68 -22.78 51.05
CA TYR D 91 -40.49 -22.40 50.30
C TYR D 91 -39.79 -21.25 51.01
N THR D 92 -38.53 -21.05 50.65
CA THR D 92 -37.78 -19.84 50.96
C THR D 92 -37.35 -19.19 49.66
N HIS D 93 -36.48 -18.18 49.76
CA HIS D 93 -35.99 -17.51 48.56
C HIS D 93 -34.95 -18.33 47.82
N ASN D 94 -34.37 -19.35 48.45
CA ASN D 94 -33.36 -20.19 47.81
C ASN D 94 -33.65 -21.68 47.86
N SER D 95 -34.64 -22.13 48.63
CA SER D 95 -35.01 -23.55 48.71
C SER D 95 -36.25 -23.80 47.88
N GLY D 96 -36.27 -24.94 47.20
CA GLY D 96 -37.33 -25.21 46.25
C GLY D 96 -38.67 -25.35 46.92
N CYS D 97 -39.68 -25.52 46.07
CA CYS D 97 -41.05 -25.61 46.54
C CYS D 97 -41.33 -26.99 47.14
N VAL D 98 -42.22 -26.99 48.15
CA VAL D 98 -42.65 -28.27 48.79
C VAL D 98 -44.18 -28.28 48.71
N PHE D 99 -44.73 -28.99 47.73
CA PHE D 99 -46.20 -28.99 47.53
C PHE D 99 -46.89 -29.82 48.61
N GLY D 100 -48.17 -29.51 48.82
CA GLY D 100 -48.95 -30.29 49.80
C GLY D 100 -49.63 -31.46 49.14
N THR D 101 -50.50 -32.14 49.88
CA THR D 101 -51.22 -33.30 49.36
C THR D 101 -52.36 -32.91 48.43
N GLY D 102 -52.89 -31.70 48.54
CA GLY D 102 -53.94 -31.25 47.66
C GLY D 102 -55.29 -31.22 48.36
N THR D 103 -56.18 -30.37 47.85
CA THR D 103 -57.51 -30.20 48.40
C THR D 103 -58.50 -30.00 47.26
N LYS D 104 -59.56 -30.82 47.24
CA LYS D 104 -60.61 -30.74 46.24
C LYS D 104 -61.79 -29.98 46.83
N VAL D 105 -62.16 -28.87 46.19
CA VAL D 105 -63.23 -28.01 46.66
C VAL D 105 -64.51 -28.37 45.94
N SER D 106 -65.56 -28.64 46.70
CA SER D 106 -66.88 -28.95 46.14
C SER D 106 -67.83 -27.79 46.42
N VAL D 107 -68.69 -27.51 45.45
CA VAL D 107 -69.63 -26.40 45.59
C VAL D 107 -71.07 -26.92 45.57
N TYR E 1 38.55 15.99 -30.52
CA TYR E 1 37.95 14.78 -29.98
C TYR E 1 38.87 14.17 -28.94
N VAL E 2 40.16 14.18 -29.26
CA VAL E 2 41.18 13.62 -28.38
C VAL E 2 41.45 14.58 -27.23
N SER E 3 41.49 14.05 -26.02
CA SER E 3 41.81 14.84 -24.82
C SER E 3 43.05 14.24 -24.16
N PRO E 4 44.19 14.93 -24.21
CA PRO E 4 45.42 14.35 -23.67
C PRO E 4 45.45 14.34 -22.15
N LEU E 5 46.03 13.28 -21.62
CA LEU E 5 46.40 13.15 -20.20
C LEU E 5 47.81 12.58 -20.12
N SER E 6 48.66 13.22 -19.33
CA SER E 6 50.01 12.72 -19.09
C SER E 6 50.15 12.25 -17.66
N VAL E 7 50.85 11.14 -17.46
CA VAL E 7 51.03 10.53 -16.15
C VAL E 7 52.48 10.09 -15.97
N ALA E 8 53.01 10.35 -14.78
CA ALA E 8 54.34 9.88 -14.39
C ALA E 8 54.36 8.35 -14.28
N LEU E 9 55.37 7.73 -14.89
CA LEU E 9 55.46 6.27 -14.94
C LEU E 9 55.38 5.65 -13.55
N GLY E 10 54.47 4.69 -13.40
CA GLY E 10 54.35 3.89 -12.19
C GLY E 10 53.33 4.35 -11.18
N GLU E 11 52.66 5.48 -11.40
CA GLU E 11 51.67 5.96 -10.45
C GLU E 11 50.27 5.61 -10.96
N THR E 12 49.25 6.07 -10.25
CA THR E 12 47.87 5.69 -10.52
C THR E 12 47.20 6.75 -11.37
N ALA E 13 46.72 6.34 -12.55
CA ALA E 13 46.06 7.23 -13.49
C ALA E 13 44.54 7.07 -13.38
N ARG E 14 43.82 8.16 -13.61
CA ARG E 14 42.38 8.21 -13.35
C ARG E 14 41.72 8.98 -14.49
N ILE E 15 41.17 8.26 -15.46
CA ILE E 15 40.60 8.86 -16.66
C ILE E 15 39.09 8.98 -16.52
N SER E 16 38.61 10.22 -16.51
CA SER E 16 37.19 10.51 -16.40
C SER E 16 36.46 10.29 -17.72
N CYS E 17 35.21 9.86 -17.64
CA CYS E 17 34.36 9.79 -18.83
C CYS E 17 34.06 11.20 -19.33
N GLY E 18 34.01 11.36 -20.65
CA GLY E 18 33.66 12.65 -21.21
C GLY E 18 32.24 13.05 -20.91
N ARG E 19 31.35 12.07 -20.75
CA ARG E 19 29.94 12.32 -20.49
C ARG E 19 29.61 11.82 -19.08
N GLN E 20 28.75 12.56 -18.39
CA GLN E 20 28.24 12.11 -17.09
C GLN E 20 26.82 11.59 -17.26
N ALA E 21 26.58 10.36 -16.78
CA ALA E 21 25.29 9.73 -16.98
C ALA E 21 24.24 10.48 -16.16
N LEU E 22 23.12 10.82 -16.77
CA LEU E 22 22.01 11.36 -16.00
C LEU E 22 20.92 10.30 -15.83
N GLY E 23 21.34 9.11 -15.45
CA GLY E 23 20.47 7.96 -15.32
C GLY E 23 21.28 6.69 -15.28
N SER E 24 20.66 5.64 -14.72
CA SER E 24 21.25 4.32 -14.53
C SER E 24 22.16 3.91 -15.68
N ARG E 25 23.42 3.63 -15.38
CA ARG E 25 24.41 3.70 -16.45
C ARG E 25 24.97 2.33 -16.77
N ALA E 26 25.57 2.24 -17.96
CA ALA E 26 26.36 1.09 -18.43
C ALA E 26 27.60 1.71 -19.06
N VAL E 27 28.74 1.66 -18.38
CA VAL E 27 29.95 2.24 -18.95
C VAL E 27 30.90 1.16 -19.43
N GLN E 28 31.44 1.38 -20.63
CA GLN E 28 32.46 0.52 -21.22
C GLN E 28 33.73 1.35 -21.36
N TRP E 29 34.88 0.70 -21.20
CA TRP E 29 36.16 1.37 -21.42
C TRP E 29 36.92 0.62 -22.51
N TYR E 30 37.34 1.34 -23.53
CA TYR E 30 38.06 0.75 -24.66
C TYR E 30 39.47 1.32 -24.74
N GLN E 31 40.44 0.46 -25.03
CA GLN E 31 41.81 0.87 -25.29
C GLN E 31 42.13 0.62 -26.75
N HIS E 32 42.71 1.64 -27.41
CA HIS E 32 43.02 1.56 -28.82
C HIS E 32 44.48 1.99 -29.00
N LYS E 33 45.34 1.04 -29.35
CA LYS E 33 46.67 1.52 -29.71
C LYS E 33 46.73 1.76 -31.21
N PRO E 34 47.42 2.83 -31.63
CA PRO E 34 47.48 3.16 -33.06
C PRO E 34 47.97 1.98 -33.89
N GLY E 35 47.23 1.66 -34.95
CA GLY E 35 47.65 0.62 -35.86
C GLY E 35 47.36 -0.79 -35.41
N GLN E 36 46.67 -0.97 -34.29
CA GLN E 36 46.24 -2.29 -33.83
C GLN E 36 44.75 -2.28 -33.55
N ALA E 37 44.21 -3.47 -33.35
CA ALA E 37 42.80 -3.61 -33.01
C ALA E 37 42.56 -3.05 -31.62
N PRO E 38 41.54 -2.22 -31.42
CA PRO E 38 41.16 -1.80 -30.07
C PRO E 38 40.84 -3.01 -29.20
N ILE E 39 40.89 -2.79 -27.88
CA ILE E 39 40.73 -3.86 -26.91
C ILE E 39 39.73 -3.41 -25.85
N LEU E 40 38.81 -4.30 -25.51
CA LEU E 40 37.85 -4.07 -24.43
C LEU E 40 38.53 -4.30 -23.09
N LEU E 41 38.52 -3.28 -22.24
CA LEU E 41 39.09 -3.29 -20.89
C LEU E 41 38.06 -3.48 -19.79
N ILE E 42 36.89 -2.86 -19.91
CA ILE E 42 35.82 -3.00 -18.92
C ILE E 42 34.55 -3.24 -19.71
N TYR E 43 34.05 -4.49 -19.70
CA TYR E 43 32.77 -4.74 -20.35
C TYR E 43 31.61 -4.32 -19.44
N ASN E 44 31.82 -4.38 -18.13
CA ASN E 44 30.80 -4.02 -17.16
C ASN E 44 31.51 -3.29 -16.03
N ASN E 45 30.84 -2.26 -15.51
CA ASN E 45 31.36 -1.49 -14.38
C ASN E 45 32.09 -2.35 -13.35
N GLN E 46 31.44 -3.41 -12.88
CA GLN E 46 32.03 -4.29 -11.88
C GLN E 46 32.68 -5.55 -12.45
N ASP E 47 32.83 -5.67 -13.77
CA ASP E 47 33.32 -6.92 -14.35
C ASP E 47 34.48 -6.71 -15.32
N ARG E 48 35.51 -7.54 -15.18
CA ARG E 48 36.78 -7.45 -15.89
C ARG E 48 36.95 -8.64 -16.82
N PRO E 49 37.25 -8.41 -18.09
CA PRO E 49 37.43 -9.53 -19.01
C PRO E 49 38.67 -10.34 -18.69
N SER E 50 38.61 -11.64 -19.00
CA SER E 50 39.80 -12.48 -18.86
C SER E 50 40.96 -11.88 -19.66
N GLY E 51 42.15 -11.86 -19.05
CA GLY E 51 43.30 -11.37 -19.76
C GLY E 51 43.58 -9.89 -19.59
N ILE E 52 42.63 -9.15 -19.03
CA ILE E 52 42.81 -7.75 -18.65
C ILE E 52 43.40 -7.62 -17.25
N PRO E 53 44.49 -6.87 -17.11
CA PRO E 53 45.16 -6.71 -15.82
C PRO E 53 44.23 -6.15 -14.75
N GLU E 54 44.31 -6.71 -13.54
CA GLU E 54 43.51 -6.13 -12.46
C GLU E 54 43.88 -4.69 -12.15
N ARG E 55 44.82 -4.11 -12.90
CA ARG E 55 45.16 -2.72 -12.70
C ARG E 55 44.06 -1.81 -13.21
N PHE E 56 43.26 -2.29 -14.15
CA PHE E 56 42.19 -1.46 -14.65
C PHE E 56 40.96 -1.75 -13.82
N SER E 57 40.23 -0.70 -13.50
CA SER E 57 39.07 -0.78 -12.66
C SER E 57 38.10 0.33 -13.02
N GLY E 58 36.81 0.03 -12.84
CA GLY E 58 35.77 0.98 -13.14
C GLY E 58 35.08 1.27 -11.81
N THR E 59 34.14 2.20 -11.85
CA THR E 59 33.40 2.47 -10.64
C THR E 59 32.07 1.74 -10.69
N PRO E 60 31.76 0.90 -9.72
CA PRO E 60 30.46 0.24 -9.71
C PRO E 60 29.37 1.28 -9.53
N ASP E 61 28.23 1.07 -10.18
CA ASP E 61 27.13 2.00 -9.98
C ASP E 61 26.35 1.44 -8.79
N ILE E 62 26.68 1.94 -7.60
CA ILE E 62 26.03 1.52 -6.36
C ILE E 62 25.01 2.59 -6.02
N ASN E 63 25.50 3.79 -5.77
CA ASN E 63 24.71 4.96 -5.42
C ASN E 63 24.87 5.97 -6.55
N PHE E 64 23.89 6.84 -6.71
CA PHE E 64 24.09 7.93 -7.65
C PHE E 64 25.04 8.96 -7.06
N GLY E 65 25.63 9.77 -7.94
CA GLY E 65 26.56 10.81 -7.54
C GLY E 65 28.01 10.58 -7.88
N THR E 66 28.35 9.59 -8.71
CA THR E 66 29.74 9.27 -9.01
C THR E 66 29.88 9.08 -10.52
N THR E 67 30.78 9.84 -11.12
CA THR E 67 31.08 9.70 -12.53
C THR E 67 31.86 8.42 -12.81
N ALA E 68 31.62 7.84 -13.98
CA ALA E 68 32.40 6.70 -14.44
C ALA E 68 33.86 7.09 -14.60
N THR E 69 34.75 6.31 -13.99
CA THR E 69 36.17 6.60 -14.06
C THR E 69 36.94 5.31 -14.26
N LEU E 70 37.92 5.34 -15.16
CA LEU E 70 38.87 4.25 -15.33
C LEU E 70 40.12 4.55 -14.52
N THR E 71 40.54 3.59 -13.71
CA THR E 71 41.73 3.71 -12.88
C THR E 71 42.77 2.70 -13.35
N ILE E 72 43.95 3.18 -13.73
CA ILE E 72 45.05 2.33 -14.13
C ILE E 72 46.17 2.52 -13.11
N SER E 73 46.31 1.55 -12.20
CA SER E 73 47.39 1.59 -11.23
C SER E 73 48.67 0.99 -11.82
N GLY E 74 49.81 1.46 -11.33
CA GLY E 74 51.10 1.02 -11.89
C GLY E 74 51.21 1.18 -13.38
N VAL E 75 50.79 2.34 -13.92
CA VAL E 75 50.86 2.60 -15.35
C VAL E 75 52.21 2.21 -15.92
N GLU E 76 52.17 1.49 -17.04
CA GLU E 76 53.34 0.96 -17.70
C GLU E 76 53.50 1.62 -19.08
N VAL E 77 54.68 1.46 -19.67
CA VAL E 77 54.94 2.08 -20.95
C VAL E 77 54.00 1.52 -22.03
N GLY E 78 53.58 0.27 -21.85
CA GLY E 78 52.62 -0.44 -22.68
C GLY E 78 51.19 0.08 -22.63
N ASP E 79 50.90 1.07 -21.79
CA ASP E 79 49.55 1.62 -21.65
C ASP E 79 49.34 2.90 -22.45
N GLU E 80 50.37 3.40 -23.12
CA GLU E 80 50.21 4.48 -24.10
C GLU E 80 49.21 4.11 -25.19
N ALA E 81 48.10 4.86 -25.26
CA ALA E 81 47.01 4.59 -26.20
C ALA E 81 45.85 5.55 -26.04
N ASP E 82 44.83 5.42 -26.90
CA ASP E 82 43.60 6.20 -26.79
C ASP E 82 42.58 5.43 -25.97
N TYR E 83 41.84 6.16 -25.12
CA TYR E 83 40.83 5.54 -24.27
C TYR E 83 39.48 6.21 -24.48
N TYR E 84 38.51 5.46 -24.98
CA TYR E 84 37.16 5.94 -25.18
C TYR E 84 36.27 5.37 -24.08
N CYS E 85 35.35 6.20 -23.59
CA CYS E 85 34.36 5.80 -22.61
C CYS E 85 32.99 5.78 -23.29
N HIS E 86 32.47 4.60 -23.57
CA HIS E 86 31.19 4.45 -24.26
C HIS E 86 30.08 4.39 -23.22
N MET E 87 29.26 5.43 -23.19
CA MET E 87 28.33 5.66 -22.10
C MET E 87 26.92 5.30 -22.54
N TRP E 88 26.28 4.40 -21.79
CA TRP E 88 24.88 4.06 -22.00
C TRP E 88 24.11 4.43 -20.74
N ASP E 89 23.02 5.18 -20.91
CA ASP E 89 22.10 5.46 -19.81
C ASP E 89 20.66 5.46 -20.33
N SER E 90 19.72 5.57 -19.38
CA SER E 90 18.31 5.33 -19.62
C SER E 90 17.55 6.53 -20.17
N ARG E 91 18.14 7.72 -20.24
CA ARG E 91 17.44 8.88 -20.79
C ARG E 91 18.13 9.51 -22.00
N SER E 92 19.12 8.84 -22.58
CA SER E 92 19.86 9.40 -23.69
C SER E 92 19.54 8.74 -25.01
N GLY E 93 19.25 7.45 -25.00
CA GLY E 93 18.83 6.73 -26.18
C GLY E 93 19.94 5.80 -26.61
N PHE E 94 19.78 5.22 -27.80
CA PHE E 94 20.82 4.35 -28.30
C PHE E 94 21.98 5.27 -28.67
N SER E 95 23.16 5.03 -28.09
CA SER E 95 24.27 5.96 -28.21
C SER E 95 25.22 5.48 -29.31
N TRP E 96 25.01 6.03 -30.51
CA TRP E 96 25.88 5.72 -31.64
C TRP E 96 27.28 6.29 -31.42
N SER E 97 27.38 7.35 -30.62
CA SER E 97 28.63 8.07 -30.47
C SER E 97 29.48 7.38 -29.41
N PHE E 98 30.76 7.18 -29.72
CA PHE E 98 31.71 6.66 -28.75
C PHE E 98 32.25 7.76 -27.84
N GLY E 99 32.14 9.02 -28.25
CA GLY E 99 32.68 10.11 -27.49
C GLY E 99 34.10 10.41 -27.88
N GLY E 100 34.70 11.36 -27.19
CA GLY E 100 36.07 11.69 -27.47
C GLY E 100 37.02 10.79 -26.73
N ALA E 101 38.27 10.80 -27.17
CA ALA E 101 39.29 9.92 -26.64
C ALA E 101 40.14 10.67 -25.63
N THR E 102 40.38 10.05 -24.48
CA THR E 102 41.42 10.52 -23.60
C THR E 102 42.73 9.86 -24.04
N ARG E 103 43.66 10.66 -24.53
CA ARG E 103 44.96 10.14 -24.95
C ARG E 103 45.84 10.13 -23.72
N LEU E 104 46.23 8.94 -23.29
CA LEU E 104 47.00 8.77 -22.07
C LEU E 104 48.48 8.78 -22.40
N THR E 105 49.21 9.65 -21.73
CA THR E 105 50.65 9.77 -21.94
C THR E 105 51.36 9.40 -20.65
N VAL E 106 52.27 8.44 -20.77
CA VAL E 106 53.07 7.94 -19.66
C VAL E 106 54.45 8.55 -19.82
N LEU E 107 54.98 9.09 -18.72
CA LEU E 107 56.16 9.95 -18.80
C LEU E 107 57.29 9.23 -18.07
N SER E 108 57.67 8.10 -18.67
CA SER E 108 58.80 7.30 -18.22
C SER E 108 60.12 8.05 -18.34
N GLN E 109 60.33 8.72 -19.47
CA GLN E 109 61.39 9.68 -19.68
C GLN E 109 62.80 9.09 -19.75
N PRO E 110 62.96 7.77 -19.98
CA PRO E 110 64.32 7.22 -19.91
C PRO E 110 65.05 7.78 -21.11
N LYS E 111 66.08 8.62 -20.94
CA LYS E 111 66.78 9.07 -22.13
C LYS E 111 67.35 7.85 -22.86
N ALA E 112 67.14 7.81 -24.18
CA ALA E 112 67.70 6.77 -25.06
C ALA E 112 68.37 7.40 -26.26
N ALA E 113 69.61 6.98 -26.56
CA ALA E 113 70.28 7.49 -27.74
C ALA E 113 69.72 6.86 -29.02
N PRO E 114 69.67 7.62 -30.11
CA PRO E 114 69.13 7.09 -31.38
C PRO E 114 70.14 6.23 -32.14
N SER E 115 69.66 5.14 -32.74
CA SER E 115 70.45 4.43 -33.73
C SER E 115 70.18 5.02 -35.11
N VAL E 116 71.19 4.99 -35.98
CA VAL E 116 71.13 5.68 -37.27
C VAL E 116 71.78 4.81 -38.35
N THR E 117 71.02 4.49 -39.38
CA THR E 117 71.51 3.72 -40.52
C THR E 117 71.32 4.55 -41.80
N LEU E 118 72.39 4.70 -42.59
CA LEU E 118 72.36 5.52 -43.80
C LEU E 118 72.76 4.70 -45.03
N PHE E 119 71.82 4.51 -45.96
CA PHE E 119 72.09 3.75 -47.18
C PHE E 119 72.25 4.67 -48.38
N PRO E 120 73.25 4.42 -49.22
CA PRO E 120 73.39 5.19 -50.47
C PRO E 120 72.49 4.62 -51.55
N PRO E 121 72.22 5.38 -52.62
CA PRO E 121 71.40 4.86 -53.73
C PRO E 121 71.90 3.51 -54.25
N SER E 122 70.95 2.64 -54.58
CA SER E 122 71.24 1.36 -55.21
C SER E 122 71.82 1.57 -56.62
N SER E 123 72.58 0.59 -57.10
CA SER E 123 73.03 0.66 -58.49
C SER E 123 71.89 0.54 -59.48
N GLU E 124 70.77 -0.07 -59.06
CA GLU E 124 69.63 -0.21 -59.97
C GLU E 124 69.00 1.16 -60.17
N GLU E 125 68.71 1.86 -59.08
CA GLU E 125 68.07 3.16 -59.20
C GLU E 125 68.94 4.08 -60.04
N LEU E 126 70.26 4.03 -59.82
CA LEU E 126 71.19 4.80 -60.64
C LEU E 126 71.04 4.46 -62.11
N GLN E 127 70.92 3.17 -62.43
CA GLN E 127 70.72 2.80 -63.83
C GLN E 127 69.27 3.01 -64.27
N ALA E 128 68.38 3.31 -63.33
CA ALA E 128 67.02 3.75 -63.64
C ALA E 128 66.90 5.26 -63.66
N ASN E 129 68.02 5.98 -63.67
CA ASN E 129 68.08 7.43 -63.76
C ASN E 129 67.50 8.14 -62.54
N LYS E 130 67.49 7.47 -61.38
CA LYS E 130 67.02 8.09 -60.14
C LYS E 130 68.04 7.83 -59.03
N ALA E 131 67.96 8.64 -57.97
CA ALA E 131 68.83 8.46 -56.82
C ALA E 131 68.16 9.02 -55.57
N THR E 132 68.21 8.26 -54.48
CA THR E 132 67.57 8.66 -53.23
C THR E 132 68.39 8.11 -52.08
N LEU E 133 68.76 8.97 -51.14
CA LEU E 133 69.49 8.54 -49.95
C LEU E 133 68.50 8.32 -48.81
N VAL E 134 68.71 7.25 -48.04
CA VAL E 134 67.78 6.83 -47.03
C VAL E 134 68.51 6.84 -45.69
N CYS E 135 68.01 7.64 -44.75
CA CYS E 135 68.61 7.76 -43.43
C CYS E 135 67.57 7.34 -42.40
N LEU E 136 67.87 6.29 -41.65
CA LEU E 136 66.91 5.69 -40.73
C LEU E 136 67.36 5.94 -39.29
N ILE E 137 66.44 6.44 -38.46
CA ILE E 137 66.74 6.82 -37.09
C ILE E 137 65.75 6.10 -36.19
N SER E 138 66.24 5.30 -35.25
CA SER E 138 65.38 4.55 -34.36
C SER E 138 65.99 4.45 -32.98
N ASP E 139 65.18 3.95 -32.04
CA ASP E 139 65.54 3.61 -30.67
C ASP E 139 65.79 4.84 -29.79
N PHE E 140 65.24 5.99 -30.15
CA PHE E 140 65.41 7.20 -29.36
C PHE E 140 64.18 7.48 -28.49
N TYR E 141 64.42 8.22 -27.41
CA TYR E 141 63.36 8.75 -26.56
C TYR E 141 63.91 9.95 -25.81
N PRO E 142 63.16 11.06 -25.70
CA PRO E 142 61.84 11.34 -26.28
C PRO E 142 61.83 11.50 -27.81
N GLY E 143 60.68 11.91 -28.34
CA GLY E 143 60.40 11.80 -29.77
C GLY E 143 60.66 13.00 -30.66
N ALA E 144 61.04 14.15 -30.08
CA ALA E 144 61.40 15.30 -30.90
C ALA E 144 62.80 15.17 -31.47
N VAL E 145 62.93 15.41 -32.78
CA VAL E 145 64.18 15.16 -33.49
C VAL E 145 64.30 16.15 -34.65
N THR E 146 65.55 16.52 -34.95
CA THR E 146 65.89 17.33 -36.12
C THR E 146 66.72 16.46 -37.06
N VAL E 147 66.28 16.35 -38.31
CA VAL E 147 67.07 15.71 -39.36
C VAL E 147 67.54 16.78 -40.33
N ALA E 148 68.84 16.76 -40.64
CA ALA E 148 69.41 17.64 -41.64
C ALA E 148 70.28 16.83 -42.59
N TRP E 149 70.38 17.32 -43.82
CA TRP E 149 71.13 16.70 -44.90
C TRP E 149 72.27 17.58 -45.37
N LYS E 150 73.35 16.94 -45.76
CA LYS E 150 74.55 17.61 -46.24
C LYS E 150 75.01 16.97 -47.53
N ALA E 151 75.45 17.81 -48.47
CA ALA E 151 76.07 17.40 -49.72
C ALA E 151 77.53 17.79 -49.63
N ASP E 152 78.40 16.79 -49.63
CA ASP E 152 79.80 16.92 -49.23
C ASP E 152 79.76 17.56 -47.85
N SER E 153 80.43 18.68 -47.65
CA SER E 153 80.56 19.31 -46.36
C SER E 153 79.55 20.43 -46.13
N SER E 154 78.63 20.68 -47.07
CA SER E 154 77.69 21.78 -46.94
C SER E 154 76.26 21.25 -46.83
N PRO E 155 75.40 21.95 -46.07
CA PRO E 155 74.06 21.43 -45.75
C PRO E 155 73.01 21.68 -46.84
N VAL E 156 72.52 20.58 -47.40
CA VAL E 156 71.42 20.59 -48.35
C VAL E 156 70.20 21.25 -47.70
N LYS E 157 69.61 22.22 -48.39
CA LYS E 157 68.43 22.91 -47.85
C LYS E 157 67.11 22.41 -48.45
N ALA E 158 67.14 21.60 -49.50
CA ALA E 158 65.88 21.17 -50.11
C ALA E 158 66.05 19.79 -50.71
N GLY E 159 64.93 19.17 -51.04
CA GLY E 159 64.94 17.80 -51.50
C GLY E 159 64.73 16.81 -50.37
N VAL E 160 64.61 17.30 -49.14
CA VAL E 160 64.55 16.49 -47.93
C VAL E 160 63.10 16.30 -47.54
N GLU E 161 62.66 15.05 -47.49
CA GLU E 161 61.34 14.71 -46.97
C GLU E 161 61.54 13.73 -45.83
N THR E 162 61.08 14.10 -44.63
CA THR E 162 61.29 13.31 -43.44
C THR E 162 59.95 12.95 -42.79
N THR E 163 59.84 11.70 -42.36
CA THR E 163 58.61 11.23 -41.74
C THR E 163 58.51 11.73 -40.31
N THR E 164 57.31 11.71 -39.81
CA THR E 164 57.02 12.05 -38.43
C THR E 164 57.21 10.82 -37.55
N PRO E 165 57.81 11.00 -36.37
CA PRO E 165 58.21 9.86 -35.53
C PRO E 165 56.97 9.07 -35.12
N SER E 166 57.15 7.76 -35.01
CA SER E 166 56.13 6.85 -34.50
C SER E 166 56.82 5.75 -33.72
N LYS E 167 56.06 5.16 -32.80
CA LYS E 167 56.66 4.24 -31.83
C LYS E 167 57.19 2.97 -32.47
N GLN E 168 58.44 2.67 -32.13
CA GLN E 168 59.17 1.49 -32.51
C GLN E 168 59.12 0.53 -31.33
N SER E 169 58.85 -0.74 -31.58
CA SER E 169 58.69 -1.73 -30.51
C SER E 169 57.61 -1.44 -29.45
N ASN E 170 57.99 -0.97 -28.24
CA ASN E 170 57.03 -0.49 -27.25
C ASN E 170 57.19 0.95 -26.75
N ASN E 171 58.40 1.41 -26.43
CA ASN E 171 58.64 2.79 -26.00
C ASN E 171 59.70 3.51 -26.83
N LYS E 172 60.11 2.96 -27.95
CA LYS E 172 61.09 3.61 -28.81
C LYS E 172 60.42 4.13 -30.07
N TYR E 173 61.09 5.06 -30.73
CA TYR E 173 60.57 5.77 -31.87
C TYR E 173 61.39 5.42 -33.10
N ALA E 174 60.81 5.64 -34.28
CA ALA E 174 61.54 5.46 -35.53
C ALA E 174 61.10 6.51 -36.53
N ALA E 175 62.04 6.90 -37.40
CA ALA E 175 61.76 7.87 -38.44
C ALA E 175 62.71 7.63 -39.61
N SER E 176 62.32 8.13 -40.77
CA SER E 176 63.11 8.00 -41.99
C SER E 176 63.17 9.36 -42.68
N SER E 177 64.32 9.67 -43.26
CA SER E 177 64.46 10.86 -44.09
C SER E 177 64.98 10.45 -45.46
N TYR E 178 64.35 10.98 -46.51
CA TYR E 178 64.73 10.71 -47.88
C TYR E 178 65.20 12.01 -48.53
N LEU E 179 66.41 11.96 -49.09
CA LEU E 179 66.94 13.06 -49.91
C LEU E 179 67.11 12.51 -51.32
N SER E 180 66.25 12.96 -52.24
CA SER E 180 66.22 12.44 -53.60
C SER E 180 67.07 13.32 -54.50
N LEU E 181 68.08 12.71 -55.12
CA LEU E 181 69.00 13.37 -56.04
C LEU E 181 68.93 12.74 -57.42
N THR E 182 69.57 13.41 -58.39
CA THR E 182 69.76 12.88 -59.74
C THR E 182 71.09 12.15 -59.83
N PRO E 183 71.22 11.18 -60.76
CA PRO E 183 72.48 10.42 -60.85
C PRO E 183 73.71 11.29 -61.00
N GLU E 184 73.62 12.39 -61.75
CA GLU E 184 74.79 13.25 -61.95
C GLU E 184 75.13 14.02 -60.68
N GLN E 185 74.14 14.27 -59.83
CA GLN E 185 74.39 14.90 -58.54
C GLN E 185 75.07 13.95 -57.58
N TRP E 186 74.62 12.68 -57.54
CA TRP E 186 75.28 11.70 -56.69
C TRP E 186 76.76 11.60 -57.02
N LYS E 187 77.08 11.37 -58.29
CA LYS E 187 78.49 11.27 -58.69
C LYS E 187 79.18 12.61 -58.72
N SER E 188 78.45 13.70 -58.45
CA SER E 188 79.03 15.04 -58.44
C SER E 188 79.81 15.30 -57.17
N HIS E 189 79.26 14.91 -56.02
CA HIS E 189 79.91 15.18 -54.74
C HIS E 189 80.72 13.98 -54.28
N LYS E 190 81.83 14.25 -53.61
CA LYS E 190 82.63 13.22 -52.98
C LYS E 190 81.88 12.41 -51.94
N SER E 191 80.89 13.00 -51.27
CA SER E 191 80.39 12.36 -50.06
C SER E 191 79.11 13.03 -49.59
N TYR E 192 78.16 12.24 -49.08
CA TYR E 192 76.99 12.79 -48.42
C TYR E 192 76.96 12.35 -46.96
N SER E 193 76.39 13.19 -46.10
CA SER E 193 76.22 12.85 -44.70
C SER E 193 74.81 13.20 -44.22
N CYS E 194 74.30 12.38 -43.31
CA CYS E 194 72.98 12.51 -42.71
C CYS E 194 73.13 12.87 -41.23
N GLN E 195 72.72 14.07 -40.85
CA GLN E 195 73.01 14.60 -39.52
C GLN E 195 71.68 14.70 -38.78
N VAL E 196 71.58 13.95 -37.69
CA VAL E 196 70.37 13.85 -36.87
C VAL E 196 70.62 14.42 -35.48
N THR E 197 69.73 15.31 -35.04
CA THR E 197 69.87 15.99 -33.76
C THR E 197 68.70 15.56 -32.87
N HIS E 198 69.03 14.98 -31.71
CA HIS E 198 68.03 14.45 -30.78
C HIS E 198 68.38 14.86 -29.37
N GLU E 199 67.45 15.57 -28.71
CA GLU E 199 67.58 15.96 -27.30
C GLU E 199 68.88 16.72 -27.07
N GLY E 200 69.23 17.61 -28.00
CA GLY E 200 70.42 18.41 -27.88
C GLY E 200 71.65 17.77 -28.46
N SER E 201 71.71 16.44 -28.49
CA SER E 201 72.86 15.73 -29.02
C SER E 201 72.71 15.44 -30.51
N THR E 202 73.80 15.66 -31.24
CA THR E 202 73.88 15.50 -32.68
C THR E 202 74.82 14.35 -33.00
N VAL E 203 74.37 13.42 -33.84
CA VAL E 203 75.28 12.45 -34.44
C VAL E 203 75.03 12.40 -35.95
N GLU E 204 75.90 11.68 -36.64
CA GLU E 204 76.03 11.80 -38.09
C GLU E 204 76.59 10.51 -38.64
N LYS E 205 76.18 10.17 -39.85
CA LYS E 205 76.79 9.11 -40.65
C LYS E 205 77.05 9.65 -42.06
N THR E 206 77.91 8.94 -42.78
CA THR E 206 78.44 9.44 -44.04
C THR E 206 78.58 8.32 -45.05
N VAL E 207 78.31 8.63 -46.32
CA VAL E 207 78.45 7.70 -47.43
C VAL E 207 79.13 8.45 -48.58
N ALA E 208 79.66 7.69 -49.53
CA ALA E 208 80.36 8.29 -50.66
C ALA E 208 80.19 7.43 -51.90
N PRO E 209 80.15 8.06 -53.09
CA PRO E 209 80.10 7.29 -54.34
C PRO E 209 81.24 6.29 -54.46
N THR E 210 80.90 5.02 -54.51
CA THR E 210 81.90 3.96 -54.61
C THR E 210 81.35 2.76 -55.39
N VAL F 1 38.56 -18.53 -33.79
CA VAL F 1 39.94 -18.15 -33.53
C VAL F 1 40.09 -16.64 -33.57
N GLN F 2 40.44 -16.11 -34.73
CA GLN F 2 40.62 -14.67 -34.93
C GLN F 2 39.69 -14.18 -36.04
N LEU F 3 39.73 -12.87 -36.28
CA LEU F 3 38.96 -12.21 -37.33
C LEU F 3 39.92 -11.47 -38.24
N GLN F 4 39.81 -11.69 -39.55
CA GLN F 4 40.56 -10.89 -40.52
C GLN F 4 39.67 -10.30 -41.60
N GLU F 5 39.77 -8.98 -41.79
CA GLU F 5 39.05 -8.26 -42.81
C GLU F 5 39.77 -8.37 -44.16
N SER F 6 39.07 -8.01 -45.23
CA SER F 6 39.71 -7.87 -46.54
C SER F 6 38.98 -6.78 -47.32
N GLY F 7 39.66 -6.23 -48.32
CA GLY F 7 39.17 -5.02 -48.93
C GLY F 7 39.66 -4.68 -50.33
N PRO F 8 39.04 -3.65 -50.90
CA PRO F 8 39.62 -2.97 -52.09
C PRO F 8 40.87 -2.16 -51.79
N GLY F 9 40.93 -1.48 -50.65
CA GLY F 9 41.94 -0.47 -50.38
C GLY F 9 41.92 0.77 -51.25
N LEU F 10 41.18 0.76 -52.36
CA LEU F 10 41.03 1.97 -53.17
C LEU F 10 39.67 1.92 -53.87
N VAL F 11 38.86 2.96 -53.65
CA VAL F 11 37.51 3.06 -54.18
C VAL F 11 37.30 4.45 -54.76
N ARG F 12 36.87 4.52 -56.00
CA ARG F 12 36.69 5.81 -56.66
C ARG F 12 35.48 6.53 -56.09
N PRO F 13 35.53 7.86 -56.02
CA PRO F 13 34.41 8.61 -55.42
C PRO F 13 33.13 8.40 -56.21
N SER F 14 32.02 8.30 -55.48
CA SER F 14 30.64 8.15 -55.96
C SER F 14 30.32 6.69 -56.25
N GLU F 15 31.28 5.79 -55.97
CA GLU F 15 31.05 4.33 -56.18
C GLU F 15 30.65 3.69 -54.85
N THR F 16 30.79 2.36 -54.74
CA THR F 16 30.33 1.67 -53.50
C THR F 16 31.51 1.01 -52.79
N LEU F 17 31.70 1.31 -51.50
CA LEU F 17 32.75 0.65 -50.68
C LEU F 17 32.30 -0.78 -50.43
N SER F 18 33.17 -1.78 -50.62
CA SER F 18 32.77 -3.17 -50.25
C SER F 18 33.84 -3.76 -49.34
N VAL F 19 33.45 -4.18 -48.12
CA VAL F 19 34.44 -4.74 -47.16
C VAL F 19 33.95 -6.09 -46.66
N THR F 20 34.83 -7.09 -46.63
CA THR F 20 34.42 -8.46 -46.22
C THR F 20 35.11 -8.84 -44.90
N CYS F 21 34.53 -9.76 -44.15
CA CYS F 21 35.13 -10.23 -42.89
C CYS F 21 34.90 -11.73 -42.77
N ILE F 22 35.99 -12.51 -42.83
CA ILE F 22 35.93 -13.95 -42.63
C ILE F 22 36.09 -14.25 -41.15
N VAL F 23 35.37 -15.25 -40.67
CA VAL F 23 35.44 -15.66 -39.27
C VAL F 23 35.91 -17.10 -39.18
N SER F 24 36.74 -17.39 -38.18
CA SER F 24 37.23 -18.74 -37.97
C SER F 24 36.99 -19.13 -36.52
N GLY F 25 36.73 -20.42 -36.31
CA GLY F 25 36.68 -20.99 -34.98
C GLY F 25 35.37 -20.76 -34.25
N GLY F 26 34.44 -20.05 -34.86
CA GLY F 26 33.09 -19.88 -34.35
C GLY F 26 32.06 -19.85 -35.47
N SER F 27 30.89 -20.45 -35.24
CA SER F 27 29.83 -20.37 -36.24
C SER F 27 29.25 -18.95 -36.29
N ILE F 28 29.07 -18.44 -37.51
CA ILE F 28 28.56 -17.07 -37.71
C ILE F 28 27.13 -16.95 -37.20
N SER F 29 26.37 -18.05 -37.21
CA SER F 29 24.93 -18.01 -37.02
C SER F 29 24.54 -17.51 -35.63
N ASN F 30 25.33 -17.83 -34.62
CA ASN F 30 24.96 -17.65 -33.22
C ASN F 30 25.42 -16.34 -32.61
N TYR F 31 25.85 -15.35 -33.41
CA TYR F 31 26.36 -14.11 -32.82
C TYR F 31 25.78 -12.89 -33.53
N TYR F 32 25.87 -11.75 -32.84
CA TYR F 32 25.76 -10.42 -33.43
C TYR F 32 27.09 -9.95 -34.00
N TRP F 33 27.04 -9.21 -35.11
CA TRP F 33 28.25 -8.77 -35.79
C TRP F 33 28.12 -7.30 -36.18
N THR F 34 29.24 -6.57 -36.16
CA THR F 34 29.24 -5.12 -36.35
C THR F 34 30.45 -4.67 -37.16
N TRP F 35 30.36 -3.45 -37.71
CA TRP F 35 31.50 -2.84 -38.44
C TRP F 35 31.75 -1.45 -37.85
N ILE F 36 33.02 -1.06 -37.66
CA ILE F 36 33.34 0.26 -37.01
C ILE F 36 34.37 1.03 -37.84
N ARG F 37 34.17 2.34 -38.03
CA ARG F 37 35.13 3.20 -38.77
C ARG F 37 36.32 3.56 -37.86
N GLN F 38 37.43 4.05 -38.43
CA GLN F 38 38.64 4.32 -37.60
C GLN F 38 39.02 5.79 -37.59
N SER F 39 39.14 6.40 -36.40
CA SER F 39 39.66 7.78 -36.26
C SER F 39 39.07 8.82 -37.22
N PRO F 40 37.74 9.04 -37.33
CA PRO F 40 37.25 10.12 -38.18
C PRO F 40 37.58 11.38 -37.37
N GLY F 41 38.53 12.20 -37.84
CA GLY F 41 38.99 13.38 -37.08
C GLY F 41 39.57 12.98 -35.73
N LYS F 42 40.21 11.81 -35.62
CA LYS F 42 40.76 11.29 -34.34
C LYS F 42 39.59 10.95 -33.40
N GLY F 43 38.50 10.41 -33.93
CA GLY F 43 37.35 10.03 -33.13
C GLY F 43 37.04 8.55 -33.30
N LEU F 44 35.75 8.21 -33.26
CA LEU F 44 35.35 6.82 -33.52
C LEU F 44 33.89 6.83 -33.92
N GLU F 45 33.58 6.29 -35.10
CA GLU F 45 32.20 6.21 -35.58
C GLU F 45 31.67 4.78 -35.60
N TRP F 46 30.50 4.58 -35.01
CA TRP F 46 29.82 3.28 -34.99
C TRP F 46 28.96 3.18 -36.25
N ILE F 47 29.34 2.33 -37.21
CA ILE F 47 28.54 2.20 -38.42
C ILE F 47 27.21 1.49 -38.15
N GLY F 48 27.24 0.38 -37.44
CA GLY F 48 26.02 -0.37 -37.18
C GLY F 48 26.33 -1.85 -37.07
N TYR F 49 25.28 -2.63 -36.76
CA TYR F 49 25.46 -4.06 -36.52
C TYR F 49 24.31 -4.86 -37.09
N ILE F 50 24.55 -6.18 -37.19
CA ILE F 50 23.57 -7.18 -37.59
C ILE F 50 23.39 -8.18 -36.45
N SER F 51 22.16 -8.63 -36.24
CA SER F 51 21.90 -9.58 -35.18
C SER F 51 21.95 -11.01 -35.71
N ASP F 52 22.04 -11.98 -34.78
CA ASP F 52 21.89 -13.38 -35.16
C ASP F 52 20.59 -13.64 -35.92
N ARG F 53 19.53 -12.87 -35.65
CA ARG F 53 18.29 -12.98 -36.39
C ARG F 53 18.32 -12.29 -37.76
N GLU F 54 19.46 -11.75 -38.18
CA GLU F 54 19.62 -11.04 -39.45
C GLU F 54 18.91 -9.69 -39.52
N THR F 55 18.63 -9.03 -38.41
CA THR F 55 18.05 -7.69 -38.48
C THR F 55 19.17 -6.65 -38.39
N THR F 56 18.99 -5.55 -39.11
CA THR F 56 20.05 -4.55 -39.27
C THR F 56 19.64 -3.18 -38.72
N THR F 57 20.61 -2.50 -38.12
CA THR F 57 20.50 -1.14 -37.61
C THR F 57 21.74 -0.34 -38.00
N TYR F 58 21.57 0.96 -38.24
CA TYR F 58 22.65 1.75 -38.80
C TYR F 58 22.67 3.10 -38.08
N ASN F 59 23.86 3.67 -37.97
CA ASN F 59 24.02 5.03 -37.46
C ASN F 59 23.31 6.04 -38.36
N PRO F 60 22.40 6.87 -37.83
CA PRO F 60 21.83 7.93 -38.66
C PRO F 60 22.88 8.84 -39.28
N SER F 61 24.04 9.02 -38.63
CA SER F 61 25.09 9.88 -39.17
C SER F 61 25.67 9.31 -40.45
N LEU F 62 25.40 8.04 -40.76
CA LEU F 62 25.78 7.41 -42.00
C LEU F 62 24.76 7.65 -43.10
N ASN F 63 23.56 8.11 -42.75
CA ASN F 63 22.54 8.50 -43.72
C ASN F 63 22.08 7.33 -44.60
N SER F 64 21.84 6.17 -43.98
CA SER F 64 21.35 4.99 -44.68
C SER F 64 22.25 4.53 -45.82
N ARG F 65 23.52 4.94 -45.80
CA ARG F 65 24.45 4.55 -46.85
C ARG F 65 25.06 3.17 -46.61
N ALA F 66 24.93 2.62 -45.40
CA ALA F 66 25.57 1.37 -45.03
C ALA F 66 24.56 0.22 -45.14
N VAL F 67 25.03 -0.94 -45.58
CA VAL F 67 24.22 -2.15 -45.61
C VAL F 67 25.08 -3.36 -45.27
N ILE F 68 24.67 -4.10 -44.23
CA ILE F 68 25.46 -5.27 -43.74
C ILE F 68 24.86 -6.55 -44.29
N SER F 69 25.69 -7.43 -44.85
CA SER F 69 25.21 -8.73 -45.40
C SER F 69 25.88 -9.88 -44.63
N ARG F 70 25.10 -10.86 -44.20
CA ARG F 70 25.68 -12.03 -43.48
C ARG F 70 25.54 -13.28 -44.34
N ASP F 71 26.65 -13.95 -44.65
CA ASP F 71 26.55 -15.24 -45.39
C ASP F 71 26.75 -16.37 -44.38
N THR F 72 25.66 -17.02 -43.98
CA THR F 72 25.76 -18.16 -43.01
C THR F 72 26.48 -19.33 -43.66
N SER F 73 26.18 -19.61 -44.93
CA SER F 73 26.78 -20.79 -45.62
C SER F 73 28.30 -20.63 -45.73
N LYS F 74 28.77 -19.41 -46.06
CA LYS F 74 30.22 -19.18 -46.25
C LYS F 74 30.88 -18.78 -44.92
N ASN F 75 30.09 -18.62 -43.86
CA ASN F 75 30.64 -18.15 -42.56
C ASN F 75 31.38 -16.83 -42.81
N GLN F 76 30.80 -15.95 -43.61
CA GLN F 76 31.50 -14.69 -43.99
C GLN F 76 30.60 -13.49 -43.72
N LEU F 77 31.17 -12.40 -43.19
CA LEU F 77 30.40 -11.16 -42.94
C LEU F 77 30.79 -10.15 -44.03
N SER F 78 29.87 -9.30 -44.46
CA SER F 78 30.12 -8.28 -45.47
C SER F 78 29.38 -7.01 -45.08
N LEU F 79 29.78 -5.90 -45.70
CA LEU F 79 29.18 -4.59 -45.51
C LEU F 79 29.49 -3.74 -46.74
N GLN F 80 28.48 -3.07 -47.28
CA GLN F 80 28.69 -2.12 -48.36
C GLN F 80 28.30 -0.72 -47.87
N LEU F 81 29.04 0.27 -48.34
CA LEU F 81 28.71 1.68 -48.12
C LEU F 81 28.72 2.38 -49.48
N ARG F 82 27.53 2.74 -49.95
CA ARG F 82 27.39 3.33 -51.27
C ARG F 82 27.64 4.83 -51.23
N SER F 83 27.90 5.39 -52.41
CA SER F 83 28.13 6.83 -52.59
C SER F 83 29.21 7.34 -51.64
N VAL F 84 30.42 6.86 -51.84
CA VAL F 84 31.51 7.23 -50.94
C VAL F 84 32.08 8.58 -51.36
N THR F 85 32.77 9.23 -50.41
CA THR F 85 33.43 10.49 -50.62
C THR F 85 34.71 10.51 -49.80
N THR F 86 35.61 11.44 -50.15
CA THR F 86 36.93 11.50 -49.53
C THR F 86 36.88 11.39 -48.01
N ALA F 87 35.75 11.80 -47.39
CA ALA F 87 35.58 11.69 -45.95
C ALA F 87 35.35 10.25 -45.49
N ASP F 88 35.21 9.31 -46.40
CA ASP F 88 34.96 7.91 -46.07
C ASP F 88 36.22 7.08 -46.05
N THR F 89 37.35 7.63 -46.48
CA THR F 89 38.63 6.98 -46.25
C THR F 89 38.83 6.74 -44.77
N ALA F 90 39.12 5.49 -44.42
CA ALA F 90 39.19 5.05 -43.03
C ALA F 90 39.65 3.59 -43.04
N ILE F 91 40.05 3.11 -41.87
CA ILE F 91 40.25 1.69 -41.65
C ILE F 91 38.95 1.12 -41.09
N TYR F 92 38.45 0.06 -41.71
CA TYR F 92 37.16 -0.52 -41.38
C TYR F 92 37.36 -1.82 -40.63
N PHE F 93 36.97 -1.83 -39.35
CA PHE F 93 37.09 -2.97 -38.46
C PHE F 93 35.78 -3.73 -38.40
N CYS F 94 35.87 -5.06 -38.44
CA CYS F 94 34.73 -5.91 -38.19
C CYS F 94 34.91 -6.51 -36.80
N ALA F 95 33.81 -6.62 -36.06
CA ALA F 95 33.86 -7.10 -34.69
C ALA F 95 32.64 -7.94 -34.34
N THR F 96 32.75 -8.65 -33.22
CA THR F 96 31.63 -9.33 -32.61
C THR F 96 30.91 -8.37 -31.67
N ALA F 97 29.62 -8.61 -31.46
CA ALA F 97 28.82 -7.77 -30.57
C ALA F 97 28.00 -8.62 -29.63
N ARG F 98 28.13 -8.36 -28.33
CA ARG F 98 27.35 -9.06 -27.31
C ARG F 98 26.26 -8.11 -26.83
N ARG F 99 25.09 -8.67 -26.53
CA ARG F 99 24.00 -7.90 -25.96
C ARG F 99 23.86 -8.19 -24.47
N GLY F 100 23.76 -7.11 -23.68
CA GLY F 100 23.51 -7.24 -22.26
C GLY F 100 22.33 -6.38 -21.87
N GLN F 101 21.81 -6.65 -20.67
CA GLN F 101 20.60 -5.99 -20.19
C GLN F 101 20.89 -5.28 -18.88
N ARG F 102 20.60 -3.97 -18.84
CA ARG F 102 20.68 -3.16 -17.63
C ARG F 102 19.28 -2.96 -17.08
N ILE F 103 19.01 -3.51 -15.88
CA ILE F 103 17.72 -3.40 -15.24
C ILE F 103 17.87 -2.63 -13.93
N TYR F 104 17.07 -1.58 -13.76
CA TYR F 104 17.11 -0.76 -12.57
C TYR F 104 15.82 -0.87 -11.76
N GLY F 105 14.92 -1.78 -12.15
CA GLY F 105 13.61 -1.84 -11.53
C GLY F 105 12.69 -2.93 -12.03
N VAL F 106 11.50 -2.58 -12.53
CA VAL F 106 10.50 -3.57 -12.91
C VAL F 106 10.51 -3.82 -14.40
N VAL F 107 10.62 -5.09 -14.78
CA VAL F 107 10.58 -5.52 -16.18
C VAL F 107 9.32 -4.96 -16.85
N SER F 108 8.17 -5.26 -16.27
CA SER F 108 6.87 -4.86 -16.83
C SER F 108 6.78 -3.35 -17.04
N PHE F 109 7.39 -2.56 -16.17
CA PHE F 109 7.40 -1.11 -16.33
C PHE F 109 8.39 -0.64 -17.39
N GLY F 110 8.96 -1.57 -18.16
CA GLY F 110 9.96 -1.21 -19.15
C GLY F 110 11.16 -0.50 -18.59
N GLU F 111 11.59 -0.89 -17.38
CA GLU F 111 12.53 -0.07 -16.61
C GLU F 111 13.97 -0.53 -16.86
N PHE F 112 14.21 -1.12 -18.02
CA PHE F 112 15.52 -1.63 -18.39
C PHE F 112 15.87 -1.05 -19.76
N PHE F 113 17.15 -1.11 -20.09
CA PHE F 113 17.62 -0.77 -21.42
C PHE F 113 18.73 -1.72 -21.80
N TYR F 114 18.98 -1.81 -23.11
CA TYR F 114 20.06 -2.63 -23.63
C TYR F 114 21.28 -1.78 -23.96
N TYR F 115 22.42 -2.45 -24.05
CA TYR F 115 23.67 -1.85 -24.47
C TYR F 115 24.50 -2.95 -25.12
N TYR F 116 25.33 -2.55 -26.07
CA TYR F 116 26.24 -3.49 -26.71
C TYR F 116 27.69 -3.17 -26.33
N TYR F 117 28.49 -4.22 -26.23
CA TYR F 117 29.94 -4.09 -26.10
C TYR F 117 30.62 -4.96 -27.13
N MET F 118 31.60 -4.40 -27.83
CA MET F 118 32.45 -5.12 -28.78
C MET F 118 33.61 -5.77 -28.01
N ASP F 119 33.64 -7.10 -27.99
CA ASP F 119 34.61 -7.84 -27.19
C ASP F 119 35.73 -8.48 -28.02
N VAL F 120 35.53 -8.65 -29.33
CA VAL F 120 36.50 -9.27 -30.23
C VAL F 120 36.52 -8.48 -31.53
N TRP F 121 37.71 -8.26 -32.07
CA TRP F 121 37.89 -7.32 -33.17
C TRP F 121 38.87 -7.86 -34.19
N GLY F 122 38.80 -7.27 -35.39
CA GLY F 122 39.76 -7.51 -36.44
C GLY F 122 40.84 -6.45 -36.47
N LYS F 123 41.88 -6.73 -37.27
CA LYS F 123 42.99 -5.78 -37.37
C LYS F 123 42.61 -4.55 -38.19
N GLY F 124 41.51 -4.60 -38.92
CA GLY F 124 41.10 -3.51 -39.79
C GLY F 124 41.50 -3.74 -41.24
N THR F 125 40.92 -2.92 -42.11
CA THR F 125 41.35 -2.87 -43.50
C THR F 125 41.37 -1.43 -43.98
N ALA F 126 42.49 -1.04 -44.59
CA ALA F 126 42.66 0.30 -45.14
C ALA F 126 41.81 0.47 -46.39
N VAL F 127 40.92 1.46 -46.39
CA VAL F 127 40.13 1.81 -47.57
C VAL F 127 40.36 3.29 -47.86
N THR F 128 40.80 3.61 -49.08
CA THR F 128 41.08 4.97 -49.50
C THR F 128 40.12 5.36 -50.61
N VAL F 129 39.66 6.60 -50.57
CA VAL F 129 38.74 7.16 -51.56
C VAL F 129 39.48 8.20 -52.39
N SER F 130 39.82 7.84 -53.63
CA SER F 130 40.63 8.71 -54.47
C SER F 130 40.20 8.55 -55.91
N SER F 131 40.31 9.64 -56.68
CA SER F 131 40.14 9.59 -58.13
C SER F 131 41.19 8.70 -58.79
N ALA F 132 42.45 8.81 -58.36
CA ALA F 132 43.57 8.26 -59.10
C ALA F 132 43.58 6.73 -59.09
N SER F 133 44.26 6.18 -60.10
CA SER F 133 44.42 4.75 -60.34
C SER F 133 45.54 4.19 -59.47
N THR F 134 45.50 2.88 -59.24
CA THR F 134 46.58 2.22 -58.52
C THR F 134 47.88 2.31 -59.32
N LYS F 135 48.97 2.64 -58.61
CA LYS F 135 50.31 2.66 -59.17
C LYS F 135 51.20 1.64 -58.45
N GLY F 136 51.79 0.72 -59.22
CA GLY F 136 52.58 -0.35 -58.64
C GLY F 136 53.91 0.18 -58.11
N PRO F 137 54.55 -0.59 -57.21
CA PRO F 137 55.81 -0.14 -56.61
C PRO F 137 57.07 -0.75 -57.21
N SER F 138 57.97 0.09 -57.72
CA SER F 138 59.33 -0.37 -57.99
C SER F 138 60.03 -0.64 -56.66
N VAL F 139 60.73 -1.77 -56.56
CA VAL F 139 61.42 -2.14 -55.33
C VAL F 139 62.90 -2.35 -55.63
N PHE F 140 63.76 -1.76 -54.79
CA PHE F 140 65.20 -1.76 -55.01
C PHE F 140 65.95 -2.47 -53.90
N PRO F 141 66.97 -3.25 -54.24
CA PRO F 141 67.83 -3.85 -53.21
C PRO F 141 68.76 -2.83 -52.60
N LEU F 142 68.96 -2.90 -51.29
CA LEU F 142 69.90 -2.04 -50.58
C LEU F 142 71.06 -2.88 -50.04
N ALA F 143 72.21 -2.77 -50.70
CA ALA F 143 73.34 -3.65 -50.44
C ALA F 143 74.02 -3.29 -49.12
N PRO F 144 74.53 -4.29 -48.38
CA PRO F 144 75.44 -4.04 -47.27
C PRO F 144 76.80 -3.53 -47.72
N SER F 145 85.65 -6.87 -33.66
CA SER F 145 85.01 -6.26 -34.82
C SER F 145 83.50 -6.25 -34.66
N GLY F 146 82.81 -5.45 -35.48
CA GLY F 146 81.40 -5.18 -35.24
C GLY F 146 80.58 -6.46 -35.22
N GLY F 147 80.77 -7.31 -36.22
CA GLY F 147 79.96 -8.49 -36.40
C GLY F 147 78.65 -8.34 -37.14
N THR F 148 78.28 -7.14 -37.60
CA THR F 148 76.98 -7.03 -38.23
C THR F 148 77.03 -6.22 -39.52
N ALA F 149 76.11 -6.59 -40.43
CA ALA F 149 75.88 -5.93 -41.70
C ALA F 149 74.46 -5.39 -41.71
N ALA F 150 74.16 -4.46 -42.61
CA ALA F 150 72.79 -4.00 -42.75
C ALA F 150 72.25 -4.46 -44.10
N LEU F 151 70.98 -4.87 -44.13
CA LEU F 151 70.41 -5.48 -45.32
C LEU F 151 69.02 -4.90 -45.54
N GLY F 152 68.69 -4.54 -46.78
CA GLY F 152 67.43 -3.84 -46.96
C GLY F 152 66.84 -3.92 -48.35
N CYS F 153 65.56 -3.57 -48.44
CA CYS F 153 64.84 -3.45 -49.70
C CYS F 153 64.14 -2.10 -49.69
N LEU F 154 64.25 -1.34 -50.78
CA LEU F 154 63.59 -0.06 -50.91
C LEU F 154 62.27 -0.23 -51.67
N VAL F 155 61.16 0.23 -51.08
CA VAL F 155 59.87 0.07 -51.74
C VAL F 155 59.37 1.43 -52.22
N LYS F 156 59.72 1.78 -53.46
CA LYS F 156 59.63 3.15 -53.96
C LYS F 156 58.36 3.43 -54.76
N ASP F 157 57.73 4.57 -54.48
CA ASP F 157 56.73 5.19 -55.36
C ASP F 157 55.48 4.32 -55.60
N TYR F 158 54.77 4.00 -54.52
CA TYR F 158 53.54 3.24 -54.65
C TYR F 158 52.36 4.08 -54.16
N PHE F 159 51.15 3.65 -54.55
CA PHE F 159 49.95 4.35 -54.14
C PHE F 159 48.80 3.36 -54.24
N PRO F 160 47.85 3.36 -53.28
CA PRO F 160 48.02 4.10 -52.04
C PRO F 160 48.64 3.17 -50.99
N GLU F 161 48.76 3.61 -49.74
CA GLU F 161 49.08 2.71 -48.65
C GLU F 161 48.04 1.60 -48.54
N PRO F 162 48.39 0.43 -47.95
CA PRO F 162 49.69 0.04 -47.38
C PRO F 162 50.51 -0.94 -48.23
N VAL F 163 51.66 -1.35 -47.70
CA VAL F 163 52.52 -2.34 -48.34
C VAL F 163 52.98 -3.36 -47.30
N THR F 164 52.88 -4.64 -47.64
CA THR F 164 53.42 -5.71 -46.81
C THR F 164 54.89 -5.88 -47.18
N VAL F 165 55.73 -6.18 -46.19
CA VAL F 165 57.11 -6.53 -46.46
C VAL F 165 57.52 -7.76 -45.65
N SER F 166 58.04 -8.77 -46.35
CA SER F 166 58.52 -10.00 -45.75
C SER F 166 59.93 -10.31 -46.24
N TRP F 167 60.63 -11.12 -45.45
CA TRP F 167 61.98 -11.63 -45.75
C TRP F 167 62.01 -13.14 -45.66
N ASN F 168 62.19 -13.79 -46.82
CA ASN F 168 62.32 -15.23 -46.94
C ASN F 168 61.03 -15.97 -46.60
N SER F 169 59.92 -15.24 -46.53
CA SER F 169 58.71 -15.62 -45.78
C SER F 169 59.06 -15.83 -44.31
N GLY F 170 58.72 -16.98 -43.72
CA GLY F 170 58.92 -17.18 -42.29
C GLY F 170 60.36 -17.12 -41.84
N ALA F 171 61.30 -17.66 -42.63
CA ALA F 171 62.61 -17.95 -42.09
C ALA F 171 63.34 -16.71 -41.56
N LEU F 172 63.29 -15.57 -42.28
CA LEU F 172 63.82 -14.35 -41.66
C LEU F 172 62.75 -13.57 -40.90
N THR F 173 62.61 -13.86 -39.62
CA THR F 173 61.79 -13.10 -38.69
C THR F 173 62.67 -12.20 -37.82
N SER F 174 63.79 -12.77 -37.38
CA SER F 174 64.78 -12.10 -36.55
C SER F 174 65.31 -10.83 -37.19
N GLY F 175 65.78 -9.92 -36.35
CA GLY F 175 66.49 -8.73 -36.75
C GLY F 175 65.93 -7.93 -37.89
N VAL F 176 64.61 -7.74 -37.98
CA VAL F 176 63.99 -7.08 -39.12
C VAL F 176 63.19 -5.88 -38.62
N HIS F 177 63.38 -4.74 -39.29
CA HIS F 177 62.68 -3.52 -38.96
C HIS F 177 62.05 -3.01 -40.25
N THR F 178 60.74 -2.77 -40.26
CA THR F 178 60.13 -2.12 -41.41
C THR F 178 59.79 -0.68 -41.04
N PHE F 179 60.28 0.26 -41.84
CA PHE F 179 60.02 1.61 -41.34
C PHE F 179 58.66 2.10 -41.82
N PRO F 180 58.03 3.01 -41.07
CA PRO F 180 56.87 3.73 -41.61
C PRO F 180 57.18 4.40 -42.94
N ALA F 181 56.14 4.61 -43.74
CA ALA F 181 56.29 5.17 -45.07
C ALA F 181 56.35 6.69 -45.01
N VAL F 182 56.88 7.30 -46.08
CA VAL F 182 56.92 8.74 -46.24
C VAL F 182 55.92 9.14 -47.32
N LEU F 183 55.21 10.24 -47.08
CA LEU F 183 54.28 10.77 -48.07
C LEU F 183 54.97 11.90 -48.83
N GLN F 184 55.21 11.68 -50.13
CA GLN F 184 55.86 12.66 -50.97
C GLN F 184 54.90 13.79 -51.32
N SER F 185 55.46 14.95 -51.70
CA SER F 185 54.61 16.04 -52.14
C SER F 185 53.82 15.62 -53.39
N SER F 186 54.40 14.73 -54.19
CA SER F 186 53.72 14.16 -55.35
C SER F 186 52.47 13.39 -54.94
N GLY F 187 52.46 12.87 -53.71
CA GLY F 187 51.42 12.02 -53.18
C GLY F 187 51.65 10.53 -53.33
N LEU F 188 52.79 10.11 -53.90
CA LEU F 188 53.20 8.72 -53.84
C LEU F 188 53.74 8.40 -52.45
N TYR F 189 53.89 7.10 -52.14
CA TYR F 189 54.45 6.69 -50.82
C TYR F 189 55.71 5.86 -51.02
N SER F 190 56.66 5.91 -50.07
CA SER F 190 57.89 5.06 -50.15
C SER F 190 58.35 4.62 -48.75
N LEU F 191 58.84 3.39 -48.60
CA LEU F 191 59.43 2.97 -47.28
C LEU F 191 60.62 2.03 -47.49
N SER F 192 61.50 1.92 -46.48
CA SER F 192 62.62 0.96 -46.56
C SER F 192 62.52 -0.04 -45.39
N SER F 193 62.61 -1.34 -45.68
CA SER F 193 62.60 -2.35 -44.59
C SER F 193 64.00 -2.93 -44.46
N VAL F 194 64.58 -2.91 -43.26
CA VAL F 194 65.99 -3.35 -43.10
C VAL F 194 66.12 -4.55 -42.16
N VAL F 195 67.17 -5.37 -42.37
CA VAL F 195 67.41 -6.53 -41.52
C VAL F 195 68.88 -6.55 -41.10
N THR F 196 69.13 -7.03 -39.88
CA THR F 196 70.46 -7.12 -39.30
C THR F 196 70.97 -8.55 -39.37
N VAL F 197 72.21 -8.72 -39.81
CA VAL F 197 72.75 -10.03 -40.18
C VAL F 197 74.12 -10.14 -39.51
N PRO F 198 74.64 -11.36 -39.33
CA PRO F 198 76.02 -11.48 -38.86
C PRO F 198 77.02 -11.31 -39.99
N SER F 199 78.07 -10.54 -39.72
CA SER F 199 79.06 -10.25 -40.75
C SER F 199 79.76 -11.51 -41.24
N SER F 200 80.03 -12.46 -40.34
CA SER F 200 80.73 -13.68 -40.74
C SER F 200 79.92 -14.47 -41.75
N SER F 201 78.59 -14.52 -41.57
CA SER F 201 77.72 -15.28 -42.45
C SER F 201 77.23 -14.34 -43.53
N LEU F 202 77.91 -14.34 -44.67
CA LEU F 202 77.32 -13.86 -45.90
C LEU F 202 77.56 -14.85 -47.02
N GLY F 203 76.71 -14.78 -48.03
CA GLY F 203 76.74 -15.69 -49.16
C GLY F 203 76.65 -17.19 -48.91
N THR F 204 76.32 -17.65 -47.71
CA THR F 204 76.12 -19.09 -47.59
C THR F 204 74.67 -19.44 -47.90
N GLN F 205 73.79 -18.67 -47.31
CA GLN F 205 72.34 -18.73 -47.27
C GLN F 205 71.82 -17.76 -48.31
N THR F 206 70.54 -17.86 -48.61
CA THR F 206 69.98 -17.13 -49.72
C THR F 206 68.93 -16.25 -49.06
N TYR F 207 68.76 -15.09 -49.65
CA TYR F 207 67.84 -14.13 -49.07
C TYR F 207 67.14 -13.45 -50.22
N ILE F 208 65.84 -13.25 -50.03
CA ILE F 208 65.02 -12.45 -50.92
C ILE F 208 63.93 -11.82 -50.06
N CYS F 209 63.32 -10.74 -50.57
CA CYS F 209 62.29 -10.02 -49.83
C CYS F 209 61.02 -10.08 -50.66
N ASN F 210 60.22 -11.11 -50.44
CA ASN F 210 59.00 -11.26 -51.22
C ASN F 210 57.89 -10.55 -50.43
N VAL F 211 57.34 -9.51 -51.08
CA VAL F 211 56.34 -8.59 -50.56
C VAL F 211 54.95 -8.64 -51.18
N ASN F 212 53.91 -8.82 -50.35
CA ASN F 212 52.53 -8.76 -50.83
C ASN F 212 52.31 -7.26 -51.10
N HIS F 213 51.89 -6.92 -52.33
CA HIS F 213 51.47 -5.55 -52.71
C HIS F 213 50.04 -5.37 -53.25
N LYS F 214 49.09 -4.98 -52.40
CA LYS F 214 47.70 -4.92 -52.81
C LYS F 214 47.37 -3.97 -53.98
N PRO F 215 48.00 -2.79 -54.15
CA PRO F 215 47.66 -1.98 -55.35
C PRO F 215 48.01 -2.58 -56.70
N SER F 216 48.97 -3.50 -56.78
CA SER F 216 49.38 -4.04 -58.08
C SER F 216 49.27 -5.56 -58.13
N ASN F 217 49.75 -6.23 -57.08
CA ASN F 217 49.67 -7.67 -56.88
C ASN F 217 50.67 -8.41 -57.76
N THR F 218 51.61 -7.68 -58.37
CA THR F 218 52.65 -8.33 -59.16
C THR F 218 53.51 -9.23 -58.29
N LYS F 219 53.62 -8.89 -57.00
CA LYS F 219 54.32 -9.72 -56.02
C LYS F 219 55.75 -9.97 -56.51
N VAL F 220 56.43 -8.87 -56.86
CA VAL F 220 57.82 -8.99 -57.29
C VAL F 220 58.66 -9.43 -56.11
N ASP F 221 59.88 -9.85 -56.38
CA ASP F 221 60.85 -10.25 -55.37
C ASP F 221 62.23 -9.74 -55.76
N LYS F 222 63.03 -9.35 -54.77
CA LYS F 222 64.40 -8.95 -55.02
C LYS F 222 65.35 -9.75 -54.15
N LYS F 223 66.41 -10.29 -54.75
CA LYS F 223 67.47 -10.94 -54.01
C LYS F 223 68.56 -9.91 -53.78
N VAL F 224 68.83 -9.60 -52.51
CA VAL F 224 69.79 -8.55 -52.18
C VAL F 224 71.16 -9.18 -52.00
N GLU F 225 72.16 -8.61 -52.70
CA GLU F 225 73.51 -9.11 -52.65
C GLU F 225 74.46 -7.93 -52.78
N PRO F 226 75.62 -7.95 -52.09
CA PRO F 226 76.60 -6.87 -52.18
C PRO F 226 77.31 -6.83 -53.53
#